data_9S8I
#
_entry.id   9S8I
#
_cell.length_a   60.579
_cell.length_b   99.108
_cell.length_c   192.556
_cell.angle_alpha   90.00
_cell.angle_beta   90.00
_cell.angle_gamma   90.00
#
_symmetry.space_group_name_H-M   'P 21 21 21'
#
loop_
_entity.id
_entity.type
_entity.pdbx_description
1 polymer 'UDP-N-acetylmuramate--L-alanine ligase'
2 non-polymer (1R,2S)-1-({4-[(5-tert-butyl-1-methyl-1H-pyrazol-3-yl)amino]-1H-pyrazolo[3,4-d]pyrimidin-6-yl}amino)-2,3-dihydro-1H-inden-2-ol
3 non-polymer 'PHOSPHATE ION'
4 non-polymer 'UNKNOWN LIGAND'
5 non-polymer 1,2-ETHANEDIOL
6 non-polymer DI(HYDROXYETHYL)ETHER
7 non-polymer 'DIMETHYL SULFOXIDE'
8 water water
#
_entity_poly.entity_id   1
_entity_poly.type   'polypeptide(L)'
_entity_poly.pdbx_seq_one_letter_code
;MVKEPNGVTRTMRRIRRIHFVGIGGAGMCGIAEVLLNLGYEVSGSDLKASAVTERLEKFGAQIFIGHQAENADGADVLVV
SSAINRANPEVASALERRIPVVPRAEMLAELMRYRHGIAVAGTHGKTTTTSLIASVFAAGGLDPTFVIGGRLNAAGTNAQ
LGASRYLVAEADESDASFLHLQPMVAVVTNIDADHMATYGGDFNKLKKTFVEFLHNLPFYGLAVMCVDDPVVREILPQIA
RPTVTYGLSEDADVRAINIRQEGMRTWFTVLRPEREPLDVSVNMPGLHNVLNSLATIVIATDEGISDEAIVQGLSGFQGV
GRRFQVYGELQVEGGSVMLVDDYGHHPREVAAVIKAIRGGWPERRLVMVYQPHRYTRTRDLYEDFVQVLGEANVLLLMEV
YPAGEEPIPGADSRQLCHSIRQRGQLDPIYFERDADLAPLVKPLLRAGDILLCQGAGDVGGLAPQLIKNPLFAGKGGKGA
AENLYFQ
;
_entity_poly.pdbx_strand_id   A,B
#
# COMPACT_ATOMS: atom_id res chain seq x y z
N ILE A 15 -8.75 -20.59 4.62
CA ILE A 15 -7.42 -20.67 5.30
C ILE A 15 -7.64 -20.91 6.80
N ARG A 16 -7.30 -22.13 7.24
CA ARG A 16 -7.45 -22.52 8.63
CA ARG A 16 -7.45 -22.52 8.63
C ARG A 16 -6.07 -22.82 9.23
N ARG A 17 -5.18 -23.46 8.45
CA ARG A 17 -3.90 -23.94 8.96
CA ARG A 17 -3.91 -23.94 8.95
C ARG A 17 -2.75 -23.16 8.35
N ILE A 18 -1.92 -22.57 9.21
CA ILE A 18 -0.71 -21.87 8.80
C ILE A 18 0.52 -22.62 9.29
N HIS A 19 1.47 -22.89 8.38
CA HIS A 19 2.63 -23.73 8.65
C HIS A 19 3.90 -22.91 8.56
N PHE A 20 4.68 -22.90 9.65
CA PHE A 20 5.90 -22.12 9.72
C PHE A 20 7.11 -23.04 9.49
N VAL A 21 7.96 -22.66 8.52
CA VAL A 21 9.20 -23.39 8.31
C VAL A 21 10.32 -22.65 9.03
N GLY A 22 10.78 -23.24 10.14
CA GLY A 22 11.77 -22.62 11.00
C GLY A 22 11.12 -21.83 12.13
N ILE A 23 10.11 -22.45 12.76
CA ILE A 23 9.17 -21.79 13.66
C ILE A 23 9.86 -21.38 14.96
N GLY A 24 11.05 -21.93 15.24
CA GLY A 24 11.79 -21.59 16.44
C GLY A 24 12.64 -20.33 16.27
N GLY A 25 12.71 -19.78 15.05
CA GLY A 25 13.41 -18.52 14.81
C GLY A 25 12.85 -17.37 15.67
N ALA A 26 13.71 -16.38 15.95
CA ALA A 26 13.45 -15.35 16.95
C ALA A 26 12.24 -14.51 16.57
N GLY A 27 12.04 -14.27 15.27
CA GLY A 27 10.91 -13.49 14.80
C GLY A 27 9.73 -14.36 14.37
N MET A 28 9.95 -15.67 14.20
CA MET A 28 8.94 -16.57 13.68
C MET A 28 7.97 -16.98 14.79
N CYS A 29 8.51 -17.26 15.98
CA CYS A 29 7.75 -17.86 17.06
C CYS A 29 6.65 -16.90 17.54
N GLY A 30 7.00 -15.60 17.60
CA GLY A 30 6.04 -14.57 18.00
C GLY A 30 4.86 -14.48 17.04
N ILE A 31 5.12 -14.54 15.74
CA ILE A 31 4.05 -14.47 14.75
C ILE A 31 3.12 -15.67 14.93
N ALA A 32 3.71 -16.87 15.08
CA ALA A 32 2.95 -18.09 15.27
C ALA A 32 2.08 -17.96 16.52
N GLU A 33 2.64 -17.39 17.57
CA GLU A 33 1.93 -17.27 18.83
C GLU A 33 0.71 -16.36 18.65
N VAL A 34 0.87 -15.25 17.93
CA VAL A 34 -0.24 -14.32 17.73
C VAL A 34 -1.30 -14.96 16.86
N LEU A 35 -0.89 -15.73 15.84
CA LEU A 35 -1.86 -16.37 14.97
C LEU A 35 -2.68 -17.41 15.74
N LEU A 36 -2.05 -18.10 16.69
CA LEU A 36 -2.78 -19.04 17.54
C LEU A 36 -3.84 -18.28 18.33
N ASN A 37 -3.43 -17.13 18.90
CA ASN A 37 -4.30 -16.26 19.66
C ASN A 37 -5.51 -15.83 18.83
N LEU A 38 -5.28 -15.54 17.54
CA LEU A 38 -6.35 -15.15 16.63
C LEU A 38 -7.24 -16.35 16.28
N GLY A 39 -6.85 -17.57 16.67
CA GLY A 39 -7.71 -18.74 16.47
C GLY A 39 -7.43 -19.51 15.17
N TYR A 40 -6.25 -19.32 14.57
CA TYR A 40 -5.82 -20.17 13.46
C TYR A 40 -5.20 -21.45 14.02
N GLU A 41 -5.24 -22.51 13.22
CA GLU A 41 -4.39 -23.67 13.47
C GLU A 41 -2.99 -23.35 12.97
N VAL A 42 -1.98 -23.67 13.77
CA VAL A 42 -0.60 -23.35 13.42
C VAL A 42 0.25 -24.62 13.58
N SER A 43 1.01 -24.95 12.54
CA SER A 43 2.05 -25.95 12.64
C SER A 43 3.38 -25.28 12.31
N GLY A 44 4.46 -25.93 12.71
CA GLY A 44 5.78 -25.46 12.35
C GLY A 44 6.81 -26.57 12.49
N SER A 45 7.89 -26.43 11.73
CA SER A 45 9.03 -27.33 11.77
C SER A 45 10.25 -26.58 12.26
N ASP A 46 11.18 -27.30 12.88
CA ASP A 46 12.46 -26.76 13.27
C ASP A 46 13.48 -27.89 13.46
N LEU A 47 14.77 -27.55 13.28
CA LEU A 47 15.84 -28.51 13.44
C LEU A 47 15.94 -28.98 14.89
N LYS A 48 15.57 -28.12 15.84
CA LYS A 48 15.82 -28.38 17.25
C LYS A 48 14.60 -28.06 18.09
N ALA A 49 14.23 -28.96 19.01
CA ALA A 49 13.26 -28.66 20.03
C ALA A 49 13.89 -27.70 21.04
N SER A 50 13.06 -26.89 21.70
CA SER A 50 13.54 -25.89 22.64
C SER A 50 12.39 -25.40 23.51
N ALA A 51 12.69 -24.50 24.46
CA ALA A 51 11.66 -23.85 25.25
C ALA A 51 10.74 -23.05 24.35
N VAL A 52 11.28 -22.52 23.24
CA VAL A 52 10.52 -21.76 22.27
C VAL A 52 9.45 -22.64 21.64
N THR A 53 9.83 -23.83 21.15
CA THR A 53 8.86 -24.74 20.56
C THR A 53 7.92 -25.27 21.64
N GLU A 54 8.43 -25.46 22.85
CA GLU A 54 7.60 -25.92 23.97
C GLU A 54 6.49 -24.91 24.25
N ARG A 55 6.85 -23.62 24.32
CA ARG A 55 5.87 -22.57 24.56
C ARG A 55 4.81 -22.55 23.46
N LEU A 56 5.22 -22.71 22.20
CA LEU A 56 4.28 -22.70 21.10
C LEU A 56 3.34 -23.90 21.22
N GLU A 57 3.86 -25.05 21.64
CA GLU A 57 3.05 -26.24 21.85
C GLU A 57 1.96 -25.97 22.89
N LYS A 58 2.27 -25.27 23.99
CA LYS A 58 1.27 -25.01 25.02
C LYS A 58 0.15 -24.13 24.49
N PHE A 59 0.46 -23.28 23.49
CA PHE A 59 -0.55 -22.42 22.88
C PHE A 59 -1.24 -23.13 21.71
N GLY A 60 -0.87 -24.39 21.45
CA GLY A 60 -1.66 -25.24 20.58
C GLY A 60 -1.01 -25.50 19.22
N ALA A 61 0.27 -25.17 19.08
CA ALA A 61 0.98 -25.39 17.82
C ALA A 61 1.36 -26.86 17.71
N GLN A 62 1.31 -27.38 16.48
CA GLN A 62 1.89 -28.69 16.19
C GLN A 62 3.31 -28.49 15.70
N ILE A 63 4.27 -29.12 16.39
CA ILE A 63 5.69 -28.94 16.10
C ILE A 63 6.25 -30.21 15.46
N PHE A 64 7.03 -30.05 14.38
CA PHE A 64 7.80 -31.13 13.81
C PHE A 64 9.28 -30.81 14.01
N ILE A 65 10.06 -31.83 14.38
CA ILE A 65 11.51 -31.70 14.46
C ILE A 65 12.08 -32.29 13.19
N GLY A 66 13.00 -31.56 12.55
CA GLY A 66 13.51 -31.93 11.25
C GLY A 66 12.64 -31.35 10.14
N HIS A 67 13.20 -31.35 8.92
CA HIS A 67 12.50 -30.88 7.74
C HIS A 67 12.31 -32.05 6.78
N GLN A 68 11.05 -32.31 6.41
CA GLN A 68 10.74 -33.24 5.35
C GLN A 68 9.46 -32.74 4.70
N ALA A 69 9.32 -33.03 3.40
CA ALA A 69 8.28 -32.42 2.58
C ALA A 69 6.93 -32.53 3.27
N GLU A 70 6.66 -33.68 3.89
CA GLU A 70 5.32 -34.01 4.34
C GLU A 70 4.92 -33.21 5.58
N ASN A 71 5.88 -32.55 6.23
CA ASN A 71 5.55 -31.69 7.36
C ASN A 71 4.61 -30.55 6.92
N ALA A 72 4.60 -30.21 5.62
CA ALA A 72 3.78 -29.14 5.09
C ALA A 72 2.44 -29.64 4.53
N ASP A 73 2.20 -30.96 4.58
CA ASP A 73 0.96 -31.50 4.03
C ASP A 73 -0.23 -30.91 4.78
N GLY A 74 -1.24 -30.45 4.05
CA GLY A 74 -2.45 -29.92 4.68
C GLY A 74 -2.31 -28.48 5.21
N ALA A 75 -1.14 -27.84 5.04
CA ALA A 75 -1.04 -26.41 5.25
C ALA A 75 -1.82 -25.64 4.19
N ASP A 76 -2.56 -24.61 4.61
CA ASP A 76 -3.25 -23.71 3.68
C ASP A 76 -2.30 -22.59 3.24
N VAL A 77 -1.36 -22.22 4.10
CA VAL A 77 -0.36 -21.21 3.77
C VAL A 77 0.91 -21.51 4.54
N LEU A 78 2.06 -21.18 3.92
CA LEU A 78 3.35 -21.28 4.56
C LEU A 78 3.86 -19.89 4.91
N VAL A 79 4.59 -19.83 6.04
CA VAL A 79 5.41 -18.70 6.41
C VAL A 79 6.84 -19.21 6.54
N VAL A 80 7.76 -18.54 5.85
CA VAL A 80 9.12 -19.02 5.77
C VAL A 80 10.02 -17.99 6.44
N SER A 81 10.92 -18.54 7.25
CA SER A 81 11.91 -17.77 7.96
C SER A 81 12.79 -17.07 6.93
N SER A 82 13.43 -15.99 7.36
CA SER A 82 14.34 -15.24 6.52
C SER A 82 15.59 -16.06 6.21
N ALA A 83 15.85 -17.06 7.07
CA ALA A 83 17.03 -17.90 6.97
C ALA A 83 16.83 -19.03 5.97
N ILE A 84 15.61 -19.21 5.44
CA ILE A 84 15.27 -20.44 4.73
C ILE A 84 14.83 -20.13 3.30
N ASN A 85 15.31 -20.97 2.37
CA ASN A 85 15.23 -20.73 0.94
C ASN A 85 14.24 -21.70 0.30
N ARG A 86 14.24 -21.74 -1.04
CA ARG A 86 13.28 -22.50 -1.81
C ARG A 86 13.62 -23.99 -1.84
N ALA A 87 14.87 -24.36 -1.52
CA ALA A 87 15.31 -25.75 -1.60
C ALA A 87 14.87 -26.56 -0.39
N ASN A 88 14.40 -25.90 0.68
CA ASN A 88 13.86 -26.60 1.83
C ASN A 88 12.70 -27.45 1.33
N PRO A 89 12.69 -28.78 1.62
CA PRO A 89 11.69 -29.68 1.06
C PRO A 89 10.25 -29.26 1.34
N GLU A 90 10.01 -28.61 2.49
CA GLU A 90 8.67 -28.17 2.85
C GLU A 90 8.23 -27.01 1.94
N VAL A 91 9.16 -26.09 1.66
CA VAL A 91 8.86 -24.94 0.84
C VAL A 91 8.64 -25.42 -0.59
N ALA A 92 9.60 -26.21 -1.09
CA ALA A 92 9.54 -26.80 -2.42
C ALA A 92 8.20 -27.53 -2.63
N SER A 93 7.79 -28.32 -1.63
CA SER A 93 6.53 -29.05 -1.70
C SER A 93 5.34 -28.10 -1.81
N ALA A 94 5.34 -27.02 -1.02
CA ALA A 94 4.25 -26.06 -1.06
C ALA A 94 4.19 -25.37 -2.42
N LEU A 95 5.35 -25.05 -3.00
CA LEU A 95 5.39 -24.39 -4.28
C LEU A 95 4.86 -25.33 -5.36
N GLU A 96 5.33 -26.60 -5.35
CA GLU A 96 4.95 -27.59 -6.35
CA GLU A 96 4.94 -27.57 -6.36
C GLU A 96 3.43 -27.78 -6.33
N ARG A 97 2.81 -27.60 -5.16
CA ARG A 97 1.37 -27.78 -5.02
C ARG A 97 0.63 -26.43 -4.97
N ARG A 98 1.33 -25.34 -5.29
CA ARG A 98 0.70 -24.03 -5.44
C ARG A 98 0.09 -23.54 -4.14
N ILE A 99 0.69 -23.90 -3.00
CA ILE A 99 0.29 -23.36 -1.72
C ILE A 99 1.01 -22.02 -1.55
N PRO A 100 0.32 -20.94 -1.12
CA PRO A 100 0.97 -19.65 -0.94
C PRO A 100 2.08 -19.68 0.10
N VAL A 101 3.26 -19.15 -0.28
CA VAL A 101 4.41 -19.05 0.60
C VAL A 101 4.65 -17.57 0.91
N VAL A 102 4.48 -17.21 2.19
CA VAL A 102 4.61 -15.83 2.64
C VAL A 102 5.90 -15.65 3.43
N PRO A 103 6.77 -14.68 3.08
CA PRO A 103 7.91 -14.35 3.94
C PRO A 103 7.52 -13.88 5.33
N ARG A 104 8.39 -14.14 6.30
CA ARG A 104 8.14 -13.80 7.69
C ARG A 104 7.73 -12.33 7.85
N ALA A 105 8.48 -11.43 7.19
CA ALA A 105 8.29 -9.99 7.34
C ALA A 105 6.89 -9.58 6.87
N GLU A 106 6.40 -10.26 5.84
CA GLU A 106 5.10 -9.97 5.27
C GLU A 106 3.99 -10.36 6.25
N MET A 107 4.14 -11.55 6.86
CA MET A 107 3.13 -12.05 7.79
C MET A 107 3.12 -11.19 9.05
N LEU A 108 4.31 -10.75 9.48
CA LEU A 108 4.44 -9.84 10.61
C LEU A 108 3.58 -8.59 10.37
N ALA A 109 3.71 -7.98 9.18
CA ALA A 109 2.94 -6.79 8.84
C ALA A 109 1.43 -7.06 8.87
N GLU A 110 1.01 -8.24 8.42
CA GLU A 110 -0.39 -8.61 8.36
C GLU A 110 -1.08 -8.54 9.73
N LEU A 111 -0.32 -8.74 10.82
CA LEU A 111 -0.89 -8.82 12.15
C LEU A 111 -1.67 -7.56 12.50
N MET A 112 -1.23 -6.41 12.00
CA MET A 112 -1.86 -5.14 12.36
C MET A 112 -3.31 -5.04 11.92
N ARG A 113 -3.68 -5.80 10.89
CA ARG A 113 -5.05 -5.81 10.40
C ARG A 113 -6.03 -6.29 11.48
N TYR A 114 -5.53 -7.04 12.47
CA TYR A 114 -6.40 -7.73 13.41
CA TYR A 114 -6.38 -7.73 13.42
C TYR A 114 -6.40 -7.02 14.77
N ARG A 115 -5.67 -5.90 14.87
CA ARG A 115 -5.53 -5.22 16.13
C ARG A 115 -5.51 -3.70 15.92
N HIS A 116 -5.54 -2.96 17.03
CA HIS A 116 -5.34 -1.52 17.00
C HIS A 116 -3.85 -1.25 16.82
N GLY A 117 -3.43 -1.05 15.57
CA GLY A 117 -2.04 -0.94 15.20
C GLY A 117 -1.49 0.47 15.38
N ILE A 118 -0.36 0.57 16.08
CA ILE A 118 0.38 1.81 16.25
C ILE A 118 1.76 1.64 15.62
N ALA A 119 1.97 2.24 14.46
CA ALA A 119 3.16 2.06 13.67
C ALA A 119 4.09 3.23 13.87
N VAL A 120 5.32 2.97 14.30
CA VAL A 120 6.28 4.02 14.58
C VAL A 120 7.34 4.06 13.47
N ALA A 121 7.25 5.09 12.62
CA ALA A 121 8.14 5.25 11.47
C ALA A 121 9.02 6.49 11.62
N GLY A 122 9.94 6.64 10.66
CA GLY A 122 10.93 7.71 10.63
C GLY A 122 12.36 7.15 10.62
N THR A 123 13.36 7.98 10.35
CA THR A 123 14.74 7.50 10.24
C THR A 123 15.29 7.20 11.63
N HIS A 124 15.17 8.15 12.56
CA HIS A 124 15.77 8.03 13.88
C HIS A 124 14.70 8.03 14.98
N GLY A 125 14.86 7.13 15.95
CA GLY A 125 14.09 7.16 17.19
C GLY A 125 12.91 6.18 17.20
N LYS A 126 12.80 5.34 16.18
CA LYS A 126 11.67 4.42 16.04
C LYS A 126 11.62 3.42 17.19
N THR A 127 12.81 2.88 17.53
CA THR A 127 12.91 1.78 18.47
C THR A 127 12.56 2.27 19.87
N THR A 128 13.22 3.36 20.30
CA THR A 128 13.02 3.88 21.65
C THR A 128 11.56 4.34 21.80
N THR A 129 11.01 4.97 20.76
CA THR A 129 9.64 5.48 20.82
C THR A 129 8.66 4.30 20.93
N THR A 130 8.86 3.26 20.12
CA THR A 130 8.04 2.06 20.21
C THR A 130 8.03 1.57 21.65
N SER A 131 9.22 1.47 22.26
CA SER A 131 9.37 0.89 23.58
C SER A 131 8.75 1.79 24.65
N LEU A 132 8.90 3.11 24.48
CA LEU A 132 8.30 4.10 25.37
C LEU A 132 6.77 4.01 25.35
N ILE A 133 6.19 3.97 24.14
CA ILE A 133 4.75 3.81 24.00
C ILE A 133 4.31 2.59 24.80
N ALA A 134 4.98 1.45 24.59
CA ALA A 134 4.63 0.22 25.30
C ALA A 134 4.70 0.43 26.81
N SER A 135 5.74 1.14 27.27
CA SER A 135 5.94 1.39 28.68
C SER A 135 4.80 2.22 29.26
N VAL A 136 4.39 3.28 28.57
CA VAL A 136 3.34 4.17 29.05
C VAL A 136 2.00 3.45 29.04
N PHE A 137 1.72 2.68 27.97
CA PHE A 137 0.51 1.88 27.89
C PHE A 137 0.44 0.87 29.05
N ALA A 138 1.58 0.26 29.36
CA ALA A 138 1.65 -0.67 30.48
C ALA A 138 1.29 0.02 31.78
N ALA A 139 1.77 1.25 31.96
CA ALA A 139 1.53 1.98 33.18
C ALA A 139 0.03 2.25 33.36
N GLY A 140 -0.70 2.35 32.24
CA GLY A 140 -2.14 2.51 32.25
C GLY A 140 -2.88 1.17 32.16
N GLY A 141 -2.23 0.08 32.57
CA GLY A 141 -2.88 -1.22 32.74
C GLY A 141 -3.30 -1.84 31.40
N LEU A 142 -2.82 -1.26 30.30
CA LEU A 142 -2.83 -1.94 29.03
C LEU A 142 -1.56 -2.80 29.03
N ASP A 143 -1.54 -3.85 28.21
CA ASP A 143 -0.37 -4.71 28.09
C ASP A 143 -0.20 -4.96 26.60
N PRO A 144 0.28 -3.97 25.82
CA PRO A 144 0.35 -4.11 24.39
C PRO A 144 1.45 -5.10 23.98
N THR A 145 1.18 -5.84 22.90
CA THR A 145 2.24 -6.53 22.19
C THR A 145 2.99 -5.48 21.39
N PHE A 146 4.34 -5.53 21.46
CA PHE A 146 5.14 -4.57 20.72
C PHE A 146 6.29 -5.29 20.00
N VAL A 147 6.73 -4.68 18.89
CA VAL A 147 7.66 -5.30 17.96
C VAL A 147 8.86 -4.39 17.77
N ILE A 148 10.03 -4.91 18.14
CA ILE A 148 11.32 -4.27 17.92
C ILE A 148 12.25 -5.30 17.27
N GLY A 149 12.87 -4.91 16.15
CA GLY A 149 13.81 -5.77 15.44
C GLY A 149 13.18 -7.09 14.99
N GLY A 150 11.89 -7.05 14.64
CA GLY A 150 11.18 -8.24 14.17
C GLY A 150 10.81 -9.20 15.31
N ARG A 151 11.09 -8.82 16.56
CA ARG A 151 10.79 -9.66 17.70
C ARG A 151 9.57 -9.10 18.44
N LEU A 152 8.62 -9.98 18.76
CA LEU A 152 7.38 -9.62 19.42
C LEU A 152 7.55 -9.84 20.92
N ASN A 153 7.10 -8.85 21.70
CA ASN A 153 7.20 -8.89 23.16
CA ASN A 153 7.20 -8.90 23.15
C ASN A 153 5.90 -8.37 23.77
N ALA A 154 5.75 -8.62 25.07
CA ALA A 154 4.67 -8.08 25.90
C ALA A 154 5.22 -7.98 27.32
N ALA A 155 4.46 -7.39 28.25
CA ALA A 155 4.84 -7.37 29.65
C ALA A 155 4.30 -8.61 30.36
N GLY A 156 5.19 -9.45 30.89
CA GLY A 156 4.82 -10.57 31.73
C GLY A 156 4.47 -11.81 30.90
N THR A 157 5.39 -12.79 30.88
CA THR A 157 5.36 -13.89 29.92
C THR A 157 4.19 -14.83 30.16
N ASN A 158 3.42 -14.63 31.24
CA ASN A 158 2.17 -15.35 31.46
C ASN A 158 1.29 -15.28 30.20
N ALA A 159 0.95 -14.05 29.79
CA ALA A 159 -0.04 -13.81 28.76
C ALA A 159 0.49 -14.21 27.38
N GLN A 160 -0.44 -14.45 26.45
CA GLN A 160 -0.12 -14.85 25.08
C GLN A 160 0.06 -13.59 24.24
N LEU A 161 1.17 -13.51 23.52
CA LEU A 161 1.38 -12.51 22.48
C LEU A 161 0.10 -12.34 21.68
N GLY A 162 -0.30 -11.08 21.45
CA GLY A 162 -1.46 -10.77 20.63
C GLY A 162 -2.74 -10.62 21.45
N ALA A 163 -2.67 -10.89 22.76
CA ALA A 163 -3.84 -10.87 23.63
C ALA A 163 -4.43 -9.48 23.69
N SER A 164 -3.59 -8.46 23.84
CA SER A 164 -4.05 -7.08 23.91
C SER A 164 -4.68 -6.68 22.59
N ARG A 165 -5.59 -5.69 22.64
CA ARG A 165 -6.17 -5.13 21.44
CA ARG A 165 -6.17 -5.13 21.44
C ARG A 165 -5.15 -4.25 20.74
N TYR A 166 -4.05 -3.91 21.45
CA TYR A 166 -3.02 -3.01 20.97
C TYR A 166 -1.79 -3.77 20.46
N LEU A 167 -1.27 -3.31 19.31
CA LEU A 167 -0.04 -3.81 18.72
C LEU A 167 0.78 -2.60 18.28
N VAL A 168 1.92 -2.40 18.95
CA VAL A 168 2.82 -1.29 18.64
C VAL A 168 4.06 -1.85 17.95
N ALA A 169 4.49 -1.22 16.84
CA ALA A 169 5.60 -1.78 16.09
C ALA A 169 6.41 -0.69 15.39
N GLU A 170 7.73 -0.89 15.38
CA GLU A 170 8.62 -0.19 14.47
C GLU A 170 8.12 -0.41 13.05
N ALA A 171 8.15 0.64 12.25
CA ALA A 171 7.86 0.56 10.84
C ALA A 171 9.08 1.05 10.05
N ASP A 172 9.78 0.12 9.40
CA ASP A 172 11.00 0.42 8.65
C ASP A 172 10.67 0.65 7.18
N GLU A 173 11.05 1.82 6.67
CA GLU A 173 10.67 2.27 5.34
C GLU A 173 11.38 1.47 4.23
N SER A 174 12.47 0.78 4.57
CA SER A 174 13.21 -0.02 3.60
C SER A 174 12.68 -1.45 3.51
N ASP A 175 11.74 -1.84 4.39
CA ASP A 175 11.13 -3.16 4.34
C ASP A 175 10.03 -3.16 3.27
N ALA A 176 9.91 -4.31 2.58
CA ALA A 176 9.01 -4.45 1.45
C ALA A 176 7.55 -4.38 1.90
N SER A 177 7.28 -4.64 3.19
CA SER A 177 5.92 -4.68 3.68
C SER A 177 5.52 -3.36 4.32
N PHE A 178 6.39 -2.34 4.25
CA PHE A 178 6.13 -1.06 4.89
C PHE A 178 4.82 -0.49 4.37
N LEU A 179 4.67 -0.44 3.04
CA LEU A 179 3.50 0.14 2.41
C LEU A 179 2.28 -0.77 2.47
N HIS A 180 2.40 -1.91 3.17
CA HIS A 180 1.28 -2.81 3.37
CA HIS A 180 1.32 -2.86 3.37
C HIS A 180 0.82 -2.80 4.82
N LEU A 181 1.52 -2.06 5.70
CA LEU A 181 1.02 -1.85 7.06
C LEU A 181 -0.34 -1.15 7.03
N GLN A 182 -1.25 -1.58 7.90
CA GLN A 182 -2.55 -0.98 8.07
C GLN A 182 -2.70 -0.51 9.51
N PRO A 183 -2.04 0.59 9.91
CA PRO A 183 -2.16 1.10 11.27
C PRO A 183 -3.42 1.93 11.47
N MET A 184 -3.82 2.04 12.74
CA MET A 184 -4.78 3.01 13.22
C MET A 184 -4.08 4.32 13.59
N VAL A 185 -2.81 4.22 14.03
CA VAL A 185 -2.01 5.38 14.40
C VAL A 185 -0.62 5.21 13.78
N ALA A 186 -0.10 6.26 13.14
CA ALA A 186 1.23 6.25 12.56
C ALA A 186 2.03 7.44 13.05
N VAL A 187 3.27 7.20 13.50
CA VAL A 187 4.21 8.23 13.89
C VAL A 187 5.23 8.40 12.77
N VAL A 188 5.67 9.65 12.53
CA VAL A 188 6.86 9.89 11.74
C VAL A 188 7.79 10.80 12.53
N THR A 189 8.94 10.24 12.98
CA THR A 189 9.85 10.94 13.86
C THR A 189 10.67 11.96 13.08
N ASN A 190 10.96 11.63 11.82
CA ASN A 190 11.81 12.44 10.98
C ASN A 190 12.07 11.68 9.69
N ILE A 191 12.43 12.42 8.64
CA ILE A 191 12.79 11.83 7.36
C ILE A 191 14.13 12.42 6.94
N ASP A 192 15.20 11.62 7.13
CA ASP A 192 16.56 12.06 6.88
C ASP A 192 17.19 11.22 5.77
N ALA A 193 17.71 11.85 4.71
CA ALA A 193 18.30 11.12 3.59
C ALA A 193 19.83 11.13 3.59
N ASP A 194 20.44 11.67 4.65
CA ASP A 194 21.88 11.93 4.68
C ASP A 194 22.71 10.65 4.73
N HIS A 195 23.93 10.74 4.19
CA HIS A 195 24.94 9.69 4.23
C HIS A 195 24.47 8.45 3.45
N MET A 196 23.68 8.68 2.40
CA MET A 196 23.15 7.62 1.55
C MET A 196 22.99 8.17 0.11
N ASP A 202 16.73 8.27 -4.71
CA ASP A 202 16.03 9.55 -5.02
C ASP A 202 15.33 10.05 -3.76
N PHE A 203 15.52 11.34 -3.45
CA PHE A 203 14.99 11.94 -2.25
C PHE A 203 13.49 12.13 -2.37
N ASN A 204 13.03 12.37 -3.61
CA ASN A 204 11.63 12.59 -3.89
C ASN A 204 10.84 11.30 -3.64
N LYS A 205 11.45 10.16 -3.95
CA LYS A 205 10.79 8.88 -3.80
C LYS A 205 10.65 8.57 -2.30
N LEU A 206 11.64 8.98 -1.50
CA LEU A 206 11.62 8.74 -0.07
C LEU A 206 10.42 9.47 0.55
N LYS A 207 10.26 10.75 0.21
CA LYS A 207 9.17 11.56 0.71
C LYS A 207 7.83 10.93 0.34
N LYS A 208 7.70 10.51 -0.93
CA LYS A 208 6.47 9.92 -1.43
CA LYS A 208 6.48 9.93 -1.43
C LYS A 208 6.16 8.64 -0.68
N THR A 209 7.19 7.85 -0.35
CA THR A 209 7.01 6.61 0.40
C THR A 209 6.32 6.91 1.74
N PHE A 210 6.81 7.94 2.44
CA PHE A 210 6.25 8.31 3.74
C PHE A 210 4.82 8.85 3.59
N VAL A 211 4.59 9.63 2.52
CA VAL A 211 3.26 10.16 2.26
C VAL A 211 2.30 9.00 2.04
N GLU A 212 2.74 8.00 1.26
CA GLU A 212 1.90 6.87 0.91
C GLU A 212 1.62 6.01 2.14
N PHE A 213 2.63 5.86 3.01
CA PHE A 213 2.47 5.11 4.25
C PHE A 213 1.40 5.77 5.12
N LEU A 214 1.46 7.10 5.23
CA LEU A 214 0.49 7.83 6.04
C LEU A 214 -0.92 7.68 5.47
N HIS A 215 -1.01 7.58 4.13
CA HIS A 215 -2.30 7.42 3.48
C HIS A 215 -2.85 6.00 3.66
N ASN A 216 -2.08 5.07 4.25
CA ASN A 216 -2.64 3.78 4.62
C ASN A 216 -3.52 3.90 5.86
N LEU A 217 -3.35 4.98 6.63
CA LEU A 217 -4.27 5.27 7.73
C LEU A 217 -5.68 5.35 7.15
N PRO A 218 -6.72 4.89 7.87
CA PRO A 218 -8.08 5.27 7.50
C PRO A 218 -8.29 6.78 7.68
N PHE A 219 -9.34 7.32 7.06
CA PHE A 219 -9.63 8.75 7.17
C PHE A 219 -9.87 9.10 8.63
N TYR A 220 -10.22 8.13 9.48
CA TYR A 220 -10.46 8.37 10.90
C TYR A 220 -9.26 7.97 11.78
N GLY A 221 -8.11 7.63 11.17
CA GLY A 221 -6.92 7.31 11.96
C GLY A 221 -6.19 8.58 12.38
N LEU A 222 -4.95 8.41 12.91
CA LEU A 222 -4.20 9.54 13.42
C LEU A 222 -2.72 9.47 12.98
N ALA A 223 -2.24 10.59 12.43
CA ALA A 223 -0.84 10.78 12.09
C ALA A 223 -0.17 11.67 13.13
N VAL A 224 0.96 11.20 13.68
CA VAL A 224 1.69 11.89 14.73
C VAL A 224 3.05 12.30 14.15
N MET A 225 3.20 13.60 13.91
CA MET A 225 4.25 14.13 13.04
C MET A 225 5.17 15.08 13.81
N CYS A 226 6.47 14.81 13.73
CA CYS A 226 7.50 15.65 14.33
C CYS A 226 7.81 16.83 13.42
N VAL A 227 7.30 17.99 13.77
CA VAL A 227 7.41 19.16 12.92
CA VAL A 227 7.40 19.16 12.92
C VAL A 227 8.75 19.85 13.13
N ASP A 228 9.52 19.41 14.14
CA ASP A 228 10.89 19.88 14.28
C ASP A 228 11.76 19.38 13.12
N ASP A 229 11.33 18.28 12.48
CA ASP A 229 12.04 17.78 11.32
C ASP A 229 11.62 18.54 10.06
N PRO A 230 12.57 19.14 9.31
CA PRO A 230 12.23 19.92 8.11
C PRO A 230 11.41 19.18 7.06
N VAL A 231 11.70 17.89 6.85
CA VAL A 231 11.08 17.15 5.77
C VAL A 231 9.67 16.73 6.17
N VAL A 232 9.48 16.36 7.44
CA VAL A 232 8.15 16.09 7.96
C VAL A 232 7.28 17.34 7.78
N ARG A 233 7.82 18.51 8.18
CA ARG A 233 7.08 19.74 8.08
C ARG A 233 6.65 19.97 6.64
N GLU A 234 7.58 19.72 5.71
CA GLU A 234 7.35 19.94 4.29
C GLU A 234 6.19 19.10 3.75
N ILE A 235 6.05 17.84 4.20
CA ILE A 235 5.03 16.95 3.65
C ILE A 235 3.71 17.06 4.43
N LEU A 236 3.71 17.80 5.54
CA LEU A 236 2.52 17.95 6.36
C LEU A 236 1.29 18.25 5.50
N PRO A 237 1.32 19.20 4.54
CA PRO A 237 0.13 19.56 3.78
C PRO A 237 -0.43 18.47 2.87
N GLN A 238 0.37 17.44 2.56
CA GLN A 238 -0.07 16.34 1.69
C GLN A 238 -0.78 15.24 2.48
N ILE A 239 -0.76 15.32 3.80
CA ILE A 239 -1.36 14.29 4.64
CA ILE A 239 -1.36 14.29 4.64
C ILE A 239 -2.83 14.67 4.79
N ALA A 240 -3.71 13.89 4.20
CA ALA A 240 -5.12 14.22 4.29
C ALA A 240 -5.75 13.33 5.34
N ARG A 241 -5.15 13.35 6.54
CA ARG A 241 -5.61 12.54 7.65
C ARG A 241 -5.54 13.42 8.90
N PRO A 242 -6.33 13.10 9.96
CA PRO A 242 -6.15 13.78 11.23
C PRO A 242 -4.71 13.70 11.72
N THR A 243 -4.15 14.87 12.07
CA THR A 243 -2.75 15.02 12.38
C THR A 243 -2.59 15.78 13.68
N VAL A 244 -1.64 15.33 14.52
CA VAL A 244 -1.18 16.06 15.68
C VAL A 244 0.33 16.20 15.56
N THR A 245 0.82 17.44 15.56
CA THR A 245 2.25 17.71 15.42
C THR A 245 2.87 17.79 16.82
N TYR A 246 4.16 17.45 16.91
CA TYR A 246 4.88 17.53 18.17
C TYR A 246 6.30 18.05 17.89
N GLY A 247 6.93 18.57 18.94
CA GLY A 247 8.27 19.13 18.81
C GLY A 247 8.54 20.20 19.85
N LEU A 248 9.72 20.83 19.75
CA LEU A 248 10.02 22.06 20.47
C LEU A 248 9.45 23.25 19.71
N SER A 249 9.22 23.10 18.40
CA SER A 249 8.69 24.16 17.57
C SER A 249 7.50 24.84 18.26
N GLU A 250 7.45 26.18 18.16
CA GLU A 250 6.42 26.98 18.80
C GLU A 250 5.04 26.68 18.21
N ASP A 251 4.99 26.28 16.93
CA ASP A 251 3.73 25.99 16.28
C ASP A 251 3.34 24.52 16.41
N ALA A 252 4.07 23.73 17.21
CA ALA A 252 3.71 22.32 17.38
C ALA A 252 2.47 22.23 18.27
N ASP A 253 1.58 21.28 17.96
CA ASP A 253 0.39 21.07 18.75
C ASP A 253 0.76 20.59 20.15
N VAL A 254 1.75 19.69 20.25
CA VAL A 254 2.22 19.21 21.53
C VAL A 254 3.71 19.56 21.64
N ARG A 255 4.03 20.30 22.71
CA ARG A 255 5.27 21.03 22.84
CA ARG A 255 5.27 21.03 22.84
C ARG A 255 5.94 20.72 24.17
N ALA A 256 7.27 20.63 24.15
CA ALA A 256 8.05 20.59 25.38
C ALA A 256 8.62 21.99 25.64
N ILE A 257 8.46 22.48 26.87
CA ILE A 257 9.09 23.71 27.32
C ILE A 257 9.72 23.47 28.70
N ASN A 258 10.53 24.45 29.14
CA ASN A 258 11.13 24.44 30.47
C ASN A 258 11.93 23.15 30.62
N ILE A 259 12.79 22.87 29.64
CA ILE A 259 13.56 21.65 29.62
C ILE A 259 14.78 21.86 30.51
N ARG A 260 14.98 20.99 31.50
CA ARG A 260 16.14 21.08 32.36
C ARG A 260 16.68 19.68 32.65
N GLN A 261 18.01 19.58 32.73
CA GLN A 261 18.70 18.30 32.82
C GLN A 261 19.29 18.19 34.22
N GLU A 262 19.14 17.02 34.84
CA GLU A 262 19.62 16.76 36.19
C GLU A 262 20.31 15.39 36.20
N GLY A 263 21.60 15.37 35.83
CA GLY A 263 22.32 14.14 35.65
C GLY A 263 21.73 13.32 34.50
N MET A 264 21.25 12.11 34.81
CA MET A 264 20.67 11.21 33.82
C MET A 264 19.21 11.55 33.53
N ARG A 265 18.62 12.46 34.32
CA ARG A 265 17.19 12.73 34.27
C ARG A 265 16.93 14.07 33.59
N THR A 266 15.95 14.07 32.67
CA THR A 266 15.50 15.28 32.01
C THR A 266 14.09 15.62 32.50
N TRP A 267 13.90 16.88 32.94
CA TRP A 267 12.59 17.40 33.29
C TRP A 267 12.13 18.32 32.17
N PHE A 268 10.82 18.29 31.89
CA PHE A 268 10.25 19.26 30.97
C PHE A 268 8.74 19.33 31.19
N THR A 269 8.14 20.41 30.70
CA THR A 269 6.70 20.60 30.74
C THR A 269 6.14 20.38 29.34
N VAL A 270 5.04 19.65 29.26
CA VAL A 270 4.42 19.36 27.98
CA VAL A 270 4.42 19.36 27.97
C VAL A 270 3.11 20.12 27.87
N LEU A 271 2.98 20.91 26.81
CA LEU A 271 1.76 21.63 26.46
C LEU A 271 0.97 20.79 25.48
N ARG A 272 -0.32 20.59 25.80
CA ARG A 272 -1.25 19.87 24.93
C ARG A 272 -2.52 20.69 24.75
N PRO A 273 -3.19 20.63 23.58
CA PRO A 273 -4.47 21.34 23.39
C PRO A 273 -5.52 20.97 24.44
N GLU A 274 -6.19 21.99 25.01
CA GLU A 274 -7.35 21.80 25.87
C GLU A 274 -6.94 21.11 27.17
N ARG A 275 -5.66 21.21 27.55
CA ARG A 275 -5.16 20.60 28.77
CA ARG A 275 -5.16 20.60 28.77
C ARG A 275 -4.26 21.62 29.47
N GLU A 276 -4.15 21.46 30.80
CA GLU A 276 -3.20 22.23 31.58
C GLU A 276 -1.80 21.72 31.28
N PRO A 277 -0.74 22.54 31.41
CA PRO A 277 0.63 22.04 31.29
C PRO A 277 0.87 20.82 32.18
N LEU A 278 1.68 19.87 31.69
CA LEU A 278 1.95 18.63 32.40
C LEU A 278 3.46 18.48 32.56
N ASP A 279 3.89 18.36 33.82
CA ASP A 279 5.30 18.25 34.17
C ASP A 279 5.67 16.77 34.16
N VAL A 280 6.77 16.45 33.48
CA VAL A 280 7.21 15.07 33.36
C VAL A 280 8.72 15.04 33.49
N SER A 281 9.23 13.85 33.80
CA SER A 281 10.65 13.57 33.70
C SER A 281 10.84 12.25 32.96
N VAL A 282 12.02 12.09 32.39
CA VAL A 282 12.39 10.84 31.76
C VAL A 282 13.82 10.57 32.20
N ASN A 283 14.15 9.29 32.46
CA ASN A 283 15.40 8.96 33.10
C ASN A 283 16.47 8.62 32.06
N MET A 284 16.54 9.46 31.02
CA MET A 284 17.47 9.35 29.92
C MET A 284 17.80 10.77 29.47
N PRO A 285 19.09 11.12 29.30
CA PRO A 285 19.46 12.47 28.87
C PRO A 285 19.35 12.66 27.35
N GLY A 286 19.29 13.92 26.92
CA GLY A 286 19.31 14.25 25.51
C GLY A 286 17.95 14.70 24.98
N LEU A 287 18.00 15.70 24.09
CA LEU A 287 16.82 16.25 23.45
C LEU A 287 16.09 15.17 22.65
N HIS A 288 16.83 14.19 22.11
CA HIS A 288 16.23 13.13 21.31
C HIS A 288 15.19 12.39 22.16
N ASN A 289 15.43 12.25 23.46
CA ASN A 289 14.49 11.52 24.31
C ASN A 289 13.27 12.36 24.73
N VAL A 290 13.43 13.68 24.74
CA VAL A 290 12.28 14.58 24.89
C VAL A 290 11.34 14.38 23.70
N LEU A 291 11.90 14.27 22.49
CA LEU A 291 11.12 14.09 21.28
C LEU A 291 10.40 12.73 21.29
N ASN A 292 11.12 11.69 21.72
CA ASN A 292 10.51 10.36 21.85
C ASN A 292 9.32 10.41 22.81
N SER A 293 9.52 11.08 23.95
CA SER A 293 8.49 11.25 24.97
C SER A 293 7.28 11.99 24.42
N LEU A 294 7.52 13.06 23.67
CA LEU A 294 6.46 13.89 23.09
C LEU A 294 5.57 13.02 22.19
N ALA A 295 6.18 12.23 21.30
CA ALA A 295 5.42 11.37 20.41
C ALA A 295 4.55 10.42 21.22
N THR A 296 5.12 9.86 22.29
CA THR A 296 4.43 8.92 23.15
C THR A 296 3.25 9.61 23.84
N ILE A 297 3.46 10.87 24.27
CA ILE A 297 2.42 11.60 25.00
C ILE A 297 1.25 11.89 24.06
N VAL A 298 1.53 12.31 22.82
CA VAL A 298 0.46 12.48 21.83
C VAL A 298 -0.39 11.21 21.82
N ILE A 299 0.26 10.04 21.71
CA ILE A 299 -0.46 8.80 21.48
C ILE A 299 -1.22 8.40 22.74
N ALA A 300 -0.59 8.50 23.91
CA ALA A 300 -1.24 8.13 25.15
C ALA A 300 -2.42 9.05 25.43
N THR A 301 -2.27 10.34 25.10
CA THR A 301 -3.30 11.33 25.37
C THR A 301 -4.51 11.02 24.49
N ASP A 302 -4.25 10.79 23.20
CA ASP A 302 -5.31 10.52 22.25
C ASP A 302 -6.04 9.22 22.60
N GLU A 303 -5.34 8.28 23.24
CA GLU A 303 -5.91 7.00 23.62
C GLU A 303 -6.68 7.11 24.94
N GLY A 304 -6.53 8.24 25.65
CA GLY A 304 -7.28 8.47 26.87
C GLY A 304 -6.58 7.90 28.11
N ILE A 305 -5.25 7.83 28.06
CA ILE A 305 -4.46 7.35 29.18
C ILE A 305 -4.28 8.51 30.18
N SER A 306 -4.29 8.19 31.48
CA SER A 306 -4.27 9.21 32.51
C SER A 306 -2.90 9.90 32.55
N ASP A 307 -2.88 11.10 33.13
CA ASP A 307 -1.66 11.86 33.35
C ASP A 307 -0.73 11.11 34.29
N GLU A 308 -1.31 10.39 35.26
CA GLU A 308 -0.54 9.64 36.24
C GLU A 308 0.24 8.50 35.58
N ALA A 309 -0.42 7.78 34.66
CA ALA A 309 0.20 6.68 33.93
C ALA A 309 1.32 7.21 33.03
N ILE A 310 1.05 8.32 32.34
CA ILE A 310 2.05 8.97 31.49
C ILE A 310 3.28 9.32 32.32
N VAL A 311 3.08 9.94 33.49
CA VAL A 311 4.18 10.37 34.33
C VAL A 311 4.98 9.13 34.78
N GLN A 312 4.30 8.07 35.22
CA GLN A 312 4.97 6.88 35.71
C GLN A 312 5.70 6.16 34.58
N GLY A 313 5.02 5.99 33.43
CA GLY A 313 5.60 5.32 32.29
C GLY A 313 6.91 5.98 31.83
N LEU A 314 6.88 7.31 31.68
CA LEU A 314 8.06 8.06 31.26
C LEU A 314 9.14 7.98 32.33
N SER A 315 8.76 8.14 33.61
CA SER A 315 9.73 8.28 34.69
C SER A 315 10.57 7.03 34.88
N GLY A 316 9.93 5.86 34.80
CA GLY A 316 10.58 4.60 35.09
C GLY A 316 11.14 3.91 33.83
N PHE A 317 11.29 4.66 32.73
CA PHE A 317 11.76 4.08 31.49
C PHE A 317 13.29 4.11 31.44
N GLN A 318 13.88 2.92 31.28
CA GLN A 318 15.33 2.74 31.35
C GLN A 318 15.96 3.09 30.00
N GLY A 319 15.38 2.55 28.93
CA GLY A 319 15.93 2.67 27.59
C GLY A 319 15.83 1.33 26.87
N VAL A 320 16.31 1.27 25.61
CA VAL A 320 16.42 0.03 24.87
C VAL A 320 17.91 -0.32 24.75
N GLY A 321 18.24 -1.61 24.95
CA GLY A 321 19.61 -2.08 24.92
C GLY A 321 20.34 -1.68 23.63
N ARG A 322 21.45 -0.94 23.80
CA ARG A 322 22.36 -0.59 22.72
C ARG A 322 21.73 0.39 21.73
N ARG A 323 20.68 1.09 22.16
CA ARG A 323 20.15 2.22 21.43
C ARG A 323 20.52 3.48 22.22
N PHE A 324 21.65 4.10 21.87
CA PHE A 324 22.21 5.21 22.63
C PHE A 324 22.03 4.95 24.13
N GLN A 325 22.55 3.81 24.60
CA GLN A 325 22.49 3.44 26.00
C GLN A 325 23.66 4.07 26.75
N VAL A 326 23.36 4.91 27.75
CA VAL A 326 24.36 5.44 28.67
C VAL A 326 24.63 4.40 29.77
N TYR A 327 25.84 3.82 29.77
CA TYR A 327 26.22 2.78 30.72
C TYR A 327 26.68 3.38 32.05
N GLY A 328 26.93 4.69 32.07
CA GLY A 328 27.31 5.37 33.28
C GLY A 328 28.69 6.02 33.13
N GLU A 329 29.60 5.69 34.06
CA GLU A 329 30.78 6.49 34.30
C GLU A 329 32.00 5.60 34.51
N LEU A 330 33.10 5.98 33.84
CA LEU A 330 34.41 5.40 34.09
C LEU A 330 35.26 6.41 34.85
N GLN A 331 35.93 5.95 35.91
CA GLN A 331 36.72 6.83 36.76
C GLN A 331 38.13 6.92 36.20
N VAL A 332 38.60 8.16 36.01
CA VAL A 332 39.96 8.42 35.60
C VAL A 332 40.53 9.50 36.50
N GLU A 333 41.83 9.78 36.33
CA GLU A 333 42.48 10.89 37.00
C GLU A 333 41.69 12.18 36.76
N GLY A 334 41.14 12.75 37.84
CA GLY A 334 40.63 14.11 37.81
C GLY A 334 39.15 14.19 37.51
N GLY A 335 38.45 13.04 37.51
CA GLY A 335 37.04 13.02 37.19
C GLY A 335 36.64 11.74 36.47
N SER A 336 35.74 11.86 35.48
CA SER A 336 35.15 10.67 34.88
C SER A 336 34.83 10.84 33.39
N VAL A 337 34.53 9.71 32.77
CA VAL A 337 34.23 9.59 31.35
C VAL A 337 32.85 8.96 31.21
N MET A 338 31.95 9.64 30.50
CA MET A 338 30.63 9.07 30.22
C MET A 338 30.77 8.00 29.14
N LEU A 339 30.34 6.77 29.48
CA LEU A 339 30.37 5.65 28.57
C LEU A 339 29.01 5.54 27.88
N VAL A 340 29.03 5.55 26.54
CA VAL A 340 27.82 5.41 25.73
C VAL A 340 28.03 4.24 24.77
N ASP A 341 26.96 3.50 24.51
CA ASP A 341 27.00 2.31 23.68
C ASP A 341 25.87 2.36 22.66
N ASP A 342 26.18 2.04 21.38
CA ASP A 342 25.16 2.02 20.32
C ASP A 342 25.56 1.07 19.20
N TYR A 343 24.59 0.30 18.68
CA TYR A 343 24.84 -0.81 17.77
CA TYR A 343 24.82 -0.81 17.76
C TYR A 343 24.87 -0.36 16.31
N GLY A 344 24.55 0.91 16.02
CA GLY A 344 24.50 1.40 14.65
C GLY A 344 25.79 1.14 13.89
N HIS A 345 25.67 0.63 12.64
CA HIS A 345 26.83 0.25 11.85
C HIS A 345 26.66 0.68 10.39
N HIS A 346 25.80 1.67 10.16
CA HIS A 346 25.70 2.35 8.87
CA HIS A 346 25.70 2.35 8.87
C HIS A 346 26.13 3.80 9.12
N PRO A 347 26.81 4.47 8.17
CA PRO A 347 27.23 5.86 8.38
C PRO A 347 26.14 6.80 8.89
N ARG A 348 24.92 6.65 8.38
CA ARG A 348 23.84 7.57 8.71
C ARG A 348 23.43 7.42 10.19
N GLU A 349 23.45 6.19 10.71
CA GLU A 349 23.13 5.95 12.10
C GLU A 349 24.24 6.53 12.97
N VAL A 350 25.50 6.39 12.54
CA VAL A 350 26.63 6.83 13.34
C VAL A 350 26.64 8.35 13.41
N ALA A 351 26.35 9.00 12.28
CA ALA A 351 26.30 10.46 12.20
C ALA A 351 25.24 11.02 13.15
N ALA A 352 24.10 10.32 13.28
CA ALA A 352 23.04 10.79 14.15
C ALA A 352 23.45 10.66 15.62
N VAL A 353 24.13 9.56 15.96
CA VAL A 353 24.63 9.34 17.31
C VAL A 353 25.60 10.45 17.68
N ILE A 354 26.51 10.78 16.76
CA ILE A 354 27.54 11.77 17.04
C ILE A 354 26.88 13.14 17.18
N LYS A 355 25.89 13.44 16.33
CA LYS A 355 25.18 14.71 16.41
C LYS A 355 24.44 14.81 17.75
N ALA A 356 23.86 13.70 18.21
CA ALA A 356 23.19 13.68 19.51
C ALA A 356 24.17 13.97 20.65
N ILE A 357 25.44 13.55 20.49
CA ILE A 357 26.46 13.81 21.52
C ILE A 357 26.91 15.26 21.46
N ARG A 358 27.10 15.81 20.26
CA ARG A 358 27.51 17.19 20.08
C ARG A 358 26.43 18.18 20.55
N GLY A 359 25.15 17.80 20.43
CA GLY A 359 24.06 18.68 20.80
C GLY A 359 23.85 18.69 22.32
N GLY A 360 23.92 17.50 22.94
CA GLY A 360 23.65 17.35 24.35
C GLY A 360 24.84 17.74 25.22
N TRP A 361 26.07 17.54 24.70
CA TRP A 361 27.28 17.74 25.47
C TRP A 361 28.34 18.41 24.60
N PRO A 362 28.10 19.67 24.16
CA PRO A 362 28.94 20.30 23.14
C PRO A 362 30.38 20.58 23.58
N GLU A 363 30.66 20.45 24.88
CA GLU A 363 31.95 20.80 25.44
C GLU A 363 32.84 19.56 25.57
N ARG A 364 32.25 18.36 25.48
CA ARG A 364 32.93 17.15 25.89
C ARG A 364 33.63 16.51 24.68
N ARG A 365 34.91 16.16 24.86
CA ARG A 365 35.68 15.50 23.83
C ARG A 365 35.14 14.09 23.58
N LEU A 366 34.94 13.77 22.30
CA LEU A 366 34.36 12.49 21.90
C LEU A 366 35.48 11.54 21.49
N VAL A 367 35.61 10.47 22.26
CA VAL A 367 36.45 9.33 21.94
C VAL A 367 35.53 8.22 21.45
N MET A 368 35.66 7.82 20.18
CA MET A 368 34.80 6.79 19.62
C MET A 368 35.60 5.54 19.28
N VAL A 369 35.07 4.40 19.73
CA VAL A 369 35.48 3.09 19.29
C VAL A 369 34.47 2.63 18.25
N TYR A 370 34.96 2.33 17.04
CA TYR A 370 34.10 1.89 15.96
C TYR A 370 34.67 0.61 15.38
N GLN A 371 33.78 -0.36 15.16
CA GLN A 371 34.09 -1.55 14.40
C GLN A 371 33.17 -1.59 13.18
N PRO A 372 33.72 -1.57 11.94
CA PRO A 372 32.88 -1.80 10.77
C PRO A 372 32.33 -3.24 10.72
N HIS A 373 31.08 -3.35 10.27
CA HIS A 373 30.41 -4.62 10.12
C HIS A 373 30.34 -4.94 8.63
N ARG A 374 30.96 -6.06 8.26
CA ARG A 374 31.01 -6.58 6.90
C ARG A 374 32.04 -5.81 6.06
N TYR A 375 32.71 -6.57 5.17
CA TYR A 375 33.62 -6.02 4.18
C TYR A 375 32.81 -5.40 3.05
N THR A 376 31.69 -6.03 2.67
CA THR A 376 30.86 -5.53 1.58
C THR A 376 30.35 -4.13 1.91
N ARG A 377 29.84 -3.95 3.14
CA ARG A 377 29.30 -2.66 3.56
C ARG A 377 30.42 -1.62 3.61
N THR A 378 31.60 -2.03 4.08
CA THR A 378 32.74 -1.13 4.16
C THR A 378 33.10 -0.66 2.74
N ARG A 379 33.12 -1.61 1.79
CA ARG A 379 33.41 -1.29 0.41
C ARG A 379 32.35 -0.35 -0.15
N ASP A 380 31.08 -0.69 0.05
CA ASP A 380 29.98 0.01 -0.60
C ASP A 380 29.83 1.44 -0.07
N LEU A 381 30.10 1.66 1.23
CA LEU A 381 29.84 2.96 1.84
C LEU A 381 31.15 3.60 2.29
N TYR A 382 32.25 3.22 1.65
CA TYR A 382 33.59 3.53 2.12
C TYR A 382 33.77 5.02 2.42
N GLU A 383 33.46 5.88 1.45
CA GLU A 383 33.75 7.30 1.58
C GLU A 383 32.89 7.92 2.66
N ASP A 384 31.67 7.40 2.84
CA ASP A 384 30.81 7.86 3.93
C ASP A 384 31.39 7.50 5.29
N PHE A 385 32.06 6.35 5.40
CA PHE A 385 32.71 5.97 6.66
C PHE A 385 33.87 6.92 6.94
N VAL A 386 34.67 7.25 5.92
CA VAL A 386 35.81 8.14 6.08
C VAL A 386 35.32 9.46 6.67
N GLN A 387 34.22 9.98 6.11
CA GLN A 387 33.66 11.26 6.48
C GLN A 387 33.07 11.23 7.89
N VAL A 388 32.18 10.26 8.18
CA VAL A 388 31.46 10.25 9.44
CA VAL A 388 31.46 10.25 9.44
C VAL A 388 32.41 9.87 10.58
N LEU A 389 33.29 8.88 10.35
CA LEU A 389 34.20 8.46 11.41
C LEU A 389 35.17 9.58 11.76
N GLY A 390 35.43 10.47 10.81
CA GLY A 390 36.29 11.62 11.01
C GLY A 390 35.69 12.71 11.91
N GLU A 391 34.46 12.52 12.40
CA GLU A 391 33.78 13.52 13.21
CA GLU A 391 33.78 13.51 13.21
C GLU A 391 34.16 13.36 14.68
N ALA A 392 34.84 12.25 15.02
CA ALA A 392 35.29 12.02 16.37
C ALA A 392 36.54 12.85 16.64
N ASN A 393 36.76 13.23 17.91
CA ASN A 393 37.98 13.90 18.33
C ASN A 393 39.12 12.89 18.41
N VAL A 394 38.79 11.70 18.91
CA VAL A 394 39.72 10.59 18.98
C VAL A 394 38.98 9.36 18.42
N LEU A 395 39.67 8.59 17.57
CA LEU A 395 39.05 7.47 16.89
C LEU A 395 39.87 6.20 17.09
N LEU A 396 39.23 5.18 17.67
CA LEU A 396 39.80 3.85 17.78
C LEU A 396 39.06 2.96 16.78
N LEU A 397 39.72 2.57 15.68
CA LEU A 397 39.12 1.72 14.66
C LEU A 397 39.49 0.27 14.91
N MET A 398 38.48 -0.54 15.20
CA MET A 398 38.63 -1.98 15.37
CA MET A 398 38.63 -1.98 15.37
C MET A 398 38.55 -2.68 14.01
N GLU A 399 39.34 -3.74 13.87
CA GLU A 399 39.32 -4.65 12.73
C GLU A 399 37.89 -5.05 12.37
N VAL A 400 37.61 -5.17 11.06
CA VAL A 400 36.27 -5.46 10.57
C VAL A 400 35.68 -6.72 11.22
N TYR A 401 34.38 -6.67 11.54
CA TYR A 401 33.62 -7.87 11.85
C TYR A 401 33.13 -8.48 10.54
N PRO A 402 33.62 -9.68 10.13
CA PRO A 402 33.30 -10.24 8.81
C PRO A 402 31.84 -10.67 8.62
N ALA A 403 31.22 -11.19 9.67
CA ALA A 403 29.88 -11.77 9.59
C ALA A 403 29.83 -12.84 8.50
N GLY A 404 30.89 -13.67 8.46
CA GLY A 404 30.95 -14.77 7.52
C GLY A 404 31.49 -14.39 6.15
N GLU A 405 31.89 -13.12 5.94
CA GLU A 405 32.36 -12.67 4.65
C GLU A 405 33.87 -12.92 4.53
N GLU A 406 34.31 -13.18 3.30
CA GLU A 406 35.73 -13.17 2.96
C GLU A 406 36.23 -11.73 2.90
N PRO A 407 37.47 -11.45 3.36
CA PRO A 407 38.10 -10.15 3.17
C PRO A 407 38.04 -9.61 1.75
N ILE A 408 37.89 -8.29 1.65
CA ILE A 408 37.95 -7.58 0.38
C ILE A 408 39.12 -6.61 0.49
N PRO A 409 40.16 -6.73 -0.37
CA PRO A 409 41.27 -5.78 -0.35
C PRO A 409 40.80 -4.34 -0.52
N GLY A 410 41.36 -3.45 0.30
CA GLY A 410 41.06 -2.03 0.20
C GLY A 410 39.75 -1.63 0.90
N ALA A 411 39.11 -2.59 1.59
CA ALA A 411 37.83 -2.34 2.23
C ALA A 411 37.84 -2.89 3.66
N ASP A 412 38.78 -2.39 4.46
CA ASP A 412 38.96 -2.88 5.82
C ASP A 412 39.38 -1.70 6.70
N SER A 413 39.58 -1.98 8.00
CA SER A 413 39.83 -0.93 8.98
C SER A 413 41.20 -0.30 8.78
N ARG A 414 42.17 -1.09 8.34
CA ARG A 414 43.52 -0.58 8.08
C ARG A 414 43.48 0.45 6.94
N GLN A 415 42.70 0.17 5.89
CA GLN A 415 42.56 1.09 4.79
C GLN A 415 41.89 2.38 5.25
N LEU A 416 40.81 2.25 6.04
CA LEU A 416 40.10 3.39 6.57
C LEU A 416 41.04 4.27 7.41
N CYS A 417 41.86 3.65 8.25
CA CYS A 417 42.82 4.40 9.05
C CYS A 417 43.67 5.27 8.14
N HIS A 418 44.18 4.69 7.05
CA HIS A 418 45.03 5.42 6.11
C HIS A 418 44.22 6.53 5.44
N SER A 419 43.00 6.22 4.98
CA SER A 419 42.17 7.20 4.30
C SER A 419 41.91 8.42 5.20
N ILE A 420 41.66 8.17 6.49
CA ILE A 420 41.39 9.25 7.42
C ILE A 420 42.70 10.00 7.73
N ARG A 421 43.76 9.23 8.05
CA ARG A 421 45.02 9.79 8.50
C ARG A 421 45.60 10.73 7.45
N GLN A 422 45.44 10.38 6.17
CA GLN A 422 46.02 11.16 5.09
CA GLN A 422 45.95 11.14 5.03
C GLN A 422 45.43 12.57 5.05
N ARG A 423 44.24 12.78 5.63
CA ARG A 423 43.56 14.06 5.53
CA ARG A 423 43.57 14.06 5.52
C ARG A 423 44.10 15.08 6.54
N GLY A 424 44.99 14.65 7.46
CA GLY A 424 45.71 15.58 8.30
C GLY A 424 44.97 16.05 9.56
N GLN A 425 43.67 15.73 9.71
CA GLN A 425 42.90 16.24 10.84
C GLN A 425 42.89 15.24 12.01
N LEU A 426 42.81 13.94 11.71
CA LEU A 426 42.63 12.93 12.75
C LEU A 426 43.54 11.75 12.48
N ASP A 427 44.09 11.17 13.55
CA ASP A 427 45.03 10.06 13.45
C ASP A 427 44.44 8.84 14.16
N PRO A 428 43.70 7.96 13.45
CA PRO A 428 43.06 6.82 14.09
C PRO A 428 44.02 5.87 14.78
N ILE A 429 43.53 5.24 15.85
CA ILE A 429 44.25 4.23 16.59
C ILE A 429 43.63 2.89 16.22
N TYR A 430 44.42 2.03 15.57
CA TYR A 430 43.95 0.75 15.11
C TYR A 430 44.07 -0.29 16.21
N PHE A 431 43.11 -1.21 16.29
CA PHE A 431 43.27 -2.37 17.16
C PHE A 431 42.51 -3.56 16.58
N GLU A 432 42.91 -4.74 17.04
CA GLU A 432 42.44 -6.00 16.51
CA GLU A 432 42.45 -6.01 16.51
C GLU A 432 41.27 -6.50 17.35
N ARG A 433 40.51 -7.44 16.80
CA ARG A 433 39.29 -7.93 17.44
C ARG A 433 39.56 -8.61 18.78
N ASP A 434 40.76 -9.18 18.97
CA ASP A 434 41.05 -9.95 20.16
C ASP A 434 41.82 -9.13 21.20
N ALA A 435 42.08 -7.85 20.91
CA ALA A 435 42.87 -7.02 21.81
C ALA A 435 42.02 -6.60 23.02
N ASP A 436 42.68 -6.22 24.11
CA ASP A 436 42.00 -5.78 25.32
C ASP A 436 41.91 -4.26 25.30
N LEU A 437 40.67 -3.75 25.22
CA LEU A 437 40.43 -2.35 24.97
C LEU A 437 40.85 -1.49 26.16
N ALA A 438 40.49 -1.94 27.38
CA ALA A 438 40.66 -1.14 28.59
C ALA A 438 42.09 -0.60 28.73
N PRO A 439 43.15 -1.43 28.71
CA PRO A 439 44.52 -0.92 28.80
C PRO A 439 44.93 -0.07 27.61
N LEU A 440 44.34 -0.34 26.44
CA LEU A 440 44.57 0.46 25.25
C LEU A 440 44.02 1.88 25.49
N VAL A 441 42.79 1.97 26.00
CA VAL A 441 42.06 3.22 25.95
C VAL A 441 42.34 4.10 27.18
N LYS A 442 42.60 3.49 28.34
CA LYS A 442 42.68 4.24 29.59
C LYS A 442 43.70 5.38 29.49
N PRO A 443 44.94 5.14 29.02
CA PRO A 443 45.95 6.20 28.98
C PRO A 443 45.58 7.38 28.08
N LEU A 444 44.63 7.16 27.15
CA LEU A 444 44.19 8.18 26.21
C LEU A 444 43.12 9.06 26.85
N LEU A 445 42.38 8.50 27.82
CA LEU A 445 41.17 9.14 28.32
C LEU A 445 41.54 10.30 29.24
N ARG A 446 40.72 11.36 29.18
CA ARG A 446 40.83 12.51 30.06
CA ARG A 446 40.83 12.50 30.07
C ARG A 446 39.46 12.78 30.69
N ALA A 447 39.48 13.31 31.92
CA ALA A 447 38.25 13.66 32.62
C ALA A 447 37.40 14.57 31.75
N GLY A 448 36.09 14.26 31.67
CA GLY A 448 35.17 15.01 30.83
C GLY A 448 35.01 14.45 29.41
N ASP A 449 35.74 13.37 29.08
CA ASP A 449 35.57 12.72 27.78
C ASP A 449 34.22 12.01 27.74
N ILE A 450 33.71 11.82 26.52
CA ILE A 450 32.69 10.82 26.25
C ILE A 450 33.34 9.70 25.45
N LEU A 451 33.24 8.47 25.98
CA LEU A 451 33.67 7.27 25.29
C LEU A 451 32.44 6.59 24.71
N LEU A 452 32.38 6.54 23.37
CA LEU A 452 31.31 5.89 22.63
C LEU A 452 31.82 4.58 22.06
N CYS A 453 31.15 3.48 22.40
CA CYS A 453 31.35 2.19 21.76
C CYS A 453 30.28 2.02 20.68
N GLN A 454 30.72 2.02 19.41
CA GLN A 454 29.81 2.12 18.27
C GLN A 454 30.04 0.93 17.34
N GLY A 455 28.94 0.22 17.04
CA GLY A 455 28.95 -0.86 16.07
C GLY A 455 28.29 -2.12 16.63
N ALA A 456 28.25 -3.14 15.79
CA ALA A 456 27.76 -4.46 16.17
C ALA A 456 28.97 -5.38 16.30
N GLY A 457 28.83 -6.64 15.87
CA GLY A 457 29.93 -7.57 15.93
C GLY A 457 30.48 -7.71 17.34
N ASP A 458 31.76 -7.37 17.52
CA ASP A 458 32.47 -7.54 18.77
C ASP A 458 32.23 -6.37 19.71
N VAL A 459 31.51 -5.34 19.25
CA VAL A 459 31.43 -4.07 19.97
C VAL A 459 30.51 -4.24 21.17
N GLY A 460 29.43 -5.01 21.00
CA GLY A 460 28.46 -5.25 22.05
C GLY A 460 29.10 -5.70 23.36
N GLY A 461 30.20 -6.45 23.27
CA GLY A 461 30.87 -6.99 24.45
C GLY A 461 31.61 -5.91 25.26
N LEU A 462 31.94 -4.77 24.62
CA LEU A 462 32.99 -3.91 25.13
C LEU A 462 32.56 -3.15 26.38
N ALA A 463 31.42 -2.43 26.30
CA ALA A 463 31.01 -1.52 27.35
C ALA A 463 30.78 -2.27 28.67
N PRO A 464 30.15 -3.47 28.68
CA PRO A 464 30.03 -4.26 29.91
C PRO A 464 31.37 -4.59 30.57
N GLN A 465 32.39 -4.85 29.76
CA GLN A 465 33.71 -5.17 30.27
C GLN A 465 34.37 -3.93 30.86
N LEU A 466 34.27 -2.81 30.13
CA LEU A 466 34.91 -1.57 30.55
C LEU A 466 34.39 -1.16 31.93
N ILE A 467 33.08 -1.33 32.16
CA ILE A 467 32.43 -0.78 33.34
C ILE A 467 32.82 -1.61 34.57
N LYS A 468 33.26 -2.87 34.36
CA LYS A 468 33.60 -3.76 35.47
CA LYS A 468 33.60 -3.76 35.47
C LYS A 468 35.10 -4.01 35.52
N ASN A 469 35.88 -3.18 34.82
CA ASN A 469 37.32 -3.37 34.73
C ASN A 469 38.01 -2.65 35.90
N PRO A 470 38.99 -3.29 36.57
CA PRO A 470 39.78 -2.66 37.63
C PRO A 470 40.31 -1.28 37.28
N LEU A 471 40.75 -1.09 36.03
CA LEU A 471 41.40 0.14 35.60
C LEU A 471 40.48 1.35 35.75
N PHE A 472 39.16 1.13 35.83
CA PHE A 472 38.20 2.23 35.91
C PHE A 472 37.36 2.14 37.18
N ALA A 473 37.68 1.20 38.08
CA ALA A 473 36.82 0.87 39.20
C ALA A 473 36.37 2.13 39.96
N ARG B 13 -16.89 8.72 18.77
CA ARG B 13 -15.80 8.38 17.83
C ARG B 13 -14.88 9.57 17.64
N ARG B 14 -13.72 9.35 16.98
CA ARG B 14 -12.82 10.43 16.65
C ARG B 14 -13.54 11.40 15.72
N ILE B 15 -13.90 10.90 14.54
CA ILE B 15 -14.56 11.72 13.54
C ILE B 15 -16.05 11.32 13.50
N ARG B 16 -16.91 12.32 13.63
CA ARG B 16 -18.36 12.14 13.65
C ARG B 16 -19.01 12.82 12.44
N ARG B 17 -18.47 13.99 12.04
CA ARG B 17 -19.13 14.84 11.05
CA ARG B 17 -19.12 14.87 11.06
C ARG B 17 -18.26 14.92 9.79
N ILE B 18 -18.84 14.50 8.66
CA ILE B 18 -18.17 14.56 7.37
C ILE B 18 -18.91 15.57 6.48
N HIS B 19 -18.15 16.52 5.93
CA HIS B 19 -18.69 17.64 5.17
C HIS B 19 -18.24 17.54 3.71
N PHE B 20 -19.22 17.50 2.79
CA PHE B 20 -18.94 17.40 1.37
C PHE B 20 -19.05 18.76 0.72
N VAL B 21 -17.98 19.20 0.03
CA VAL B 21 -18.00 20.44 -0.71
C VAL B 21 -18.30 20.09 -2.16
N GLY B 22 -19.52 20.41 -2.60
CA GLY B 22 -19.97 20.07 -3.94
C GLY B 22 -20.74 18.75 -3.94
N ILE B 23 -21.62 18.57 -2.95
CA ILE B 23 -22.23 17.29 -2.62
C ILE B 23 -23.21 16.84 -3.70
N GLY B 24 -23.57 17.76 -4.62
CA GLY B 24 -24.47 17.44 -5.72
C GLY B 24 -23.73 16.87 -6.92
N GLY B 25 -22.39 16.88 -6.89
CA GLY B 25 -21.58 16.29 -7.94
C GLY B 25 -21.85 14.79 -8.09
N ALA B 26 -21.54 14.28 -9.28
CA ALA B 26 -22.12 13.06 -9.82
C ALA B 26 -21.83 11.84 -8.94
N GLY B 27 -20.61 11.75 -8.42
CA GLY B 27 -20.24 10.62 -7.58
C GLY B 27 -20.15 10.99 -6.09
N MET B 28 -20.49 12.24 -5.74
CA MET B 28 -20.34 12.69 -4.36
C MET B 28 -21.51 12.21 -3.52
N CYS B 29 -22.72 12.28 -4.09
CA CYS B 29 -23.94 12.06 -3.32
C CYS B 29 -24.05 10.60 -2.88
N GLY B 30 -23.58 9.67 -3.72
CA GLY B 30 -23.55 8.24 -3.37
C GLY B 30 -22.68 7.98 -2.14
N ILE B 31 -21.50 8.60 -2.10
CA ILE B 31 -20.61 8.45 -0.97
C ILE B 31 -21.29 8.96 0.31
N ALA B 32 -21.88 10.16 0.22
CA ALA B 32 -22.59 10.76 1.34
C ALA B 32 -23.70 9.82 1.83
N GLU B 33 -24.41 9.21 0.89
CA GLU B 33 -25.51 8.34 1.23
C GLU B 33 -25.00 7.13 2.03
N VAL B 34 -23.88 6.54 1.59
CA VAL B 34 -23.40 5.35 2.28
C VAL B 34 -22.83 5.75 3.64
N LEU B 35 -22.23 6.94 3.76
CA LEU B 35 -21.71 7.38 5.05
C LEU B 35 -22.85 7.61 6.04
N LEU B 36 -23.99 8.12 5.57
CA LEU B 36 -25.15 8.27 6.42
C LEU B 36 -25.58 6.89 6.92
N ASN B 37 -25.61 5.90 6.02
CA ASN B 37 -25.96 4.52 6.34
C ASN B 37 -25.04 3.96 7.42
N LEU B 38 -23.75 4.30 7.34
CA LEU B 38 -22.78 3.85 8.33
C LEU B 38 -22.98 4.57 9.66
N GLY B 39 -23.81 5.62 9.70
CA GLY B 39 -24.14 6.29 10.95
C GLY B 39 -23.28 7.52 11.24
N TYR B 40 -22.60 8.08 10.22
CA TYR B 40 -21.92 9.36 10.38
C TYR B 40 -22.92 10.51 10.23
N GLU B 41 -22.58 11.64 10.85
CA GLU B 41 -23.25 12.89 10.51
C GLU B 41 -22.64 13.40 9.20
N VAL B 42 -23.51 13.80 8.27
CA VAL B 42 -23.05 14.25 6.97
C VAL B 42 -23.68 15.61 6.67
N SER B 43 -22.81 16.58 6.36
CA SER B 43 -23.26 17.84 5.80
C SER B 43 -22.66 17.98 4.41
N GLY B 44 -23.27 18.84 3.60
CA GLY B 44 -22.76 19.12 2.27
C GLY B 44 -23.24 20.49 1.77
N SER B 45 -22.43 21.10 0.90
CA SER B 45 -22.73 22.37 0.29
C SER B 45 -22.79 22.17 -1.22
N ASP B 46 -23.57 23.02 -1.90
CA ASP B 46 -23.56 23.06 -3.35
C ASP B 46 -24.04 24.42 -3.83
N LEU B 47 -23.59 24.83 -5.02
CA LEU B 47 -24.04 26.08 -5.62
C LEU B 47 -25.53 26.01 -5.96
N LYS B 48 -26.02 24.81 -6.28
CA LYS B 48 -27.37 24.62 -6.79
C LYS B 48 -28.10 23.53 -6.00
N ALA B 49 -29.33 23.84 -5.57
CA ALA B 49 -30.22 22.82 -5.06
C ALA B 49 -30.67 21.94 -6.21
N SER B 50 -31.03 20.69 -5.88
CA SER B 50 -31.44 19.73 -6.89
C SER B 50 -32.19 18.59 -6.20
N ALA B 51 -32.69 17.66 -7.01
CA ALA B 51 -33.29 16.44 -6.50
C ALA B 51 -32.26 15.65 -5.70
N VAL B 52 -30.98 15.75 -6.09
CA VAL B 52 -29.90 15.06 -5.42
C VAL B 52 -29.77 15.59 -3.99
N THR B 53 -29.72 16.92 -3.82
CA THR B 53 -29.63 17.50 -2.48
C THR B 53 -30.92 17.22 -1.71
N GLU B 54 -32.07 17.22 -2.41
CA GLU B 54 -33.34 16.94 -1.76
C GLU B 54 -33.32 15.52 -1.18
N ARG B 55 -32.89 14.54 -1.99
CA ARG B 55 -32.80 13.16 -1.56
C ARG B 55 -31.89 13.02 -0.34
N LEU B 56 -30.73 13.69 -0.36
CA LEU B 56 -29.78 13.57 0.73
C LEU B 56 -30.39 14.15 2.01
N GLU B 57 -31.14 15.24 1.86
CA GLU B 57 -31.80 15.87 3.00
C GLU B 57 -32.76 14.88 3.67
N LYS B 58 -33.53 14.14 2.87
CA LYS B 58 -34.51 13.22 3.44
C LYS B 58 -33.81 12.09 4.18
N PHE B 59 -32.58 11.75 3.77
CA PHE B 59 -31.80 10.70 4.43
C PHE B 59 -31.04 11.27 5.63
N GLY B 60 -31.14 12.57 5.88
CA GLY B 60 -30.69 13.14 7.13
C GLY B 60 -29.37 13.92 6.99
N ALA B 61 -29.00 14.27 5.75
CA ALA B 61 -27.91 15.19 5.52
C ALA B 61 -28.35 16.62 5.82
N GLN B 62 -27.43 17.43 6.34
CA GLN B 62 -27.63 18.87 6.41
C GLN B 62 -27.03 19.53 5.17
N ILE B 63 -27.87 20.24 4.41
CA ILE B 63 -27.50 20.77 3.12
C ILE B 63 -27.41 22.29 3.20
N PHE B 64 -26.35 22.85 2.61
CA PHE B 64 -26.22 24.28 2.46
C PHE B 64 -26.16 24.59 0.97
N ILE B 65 -26.90 25.62 0.54
CA ILE B 65 -26.79 26.10 -0.82
C ILE B 65 -25.93 27.36 -0.78
N GLY B 66 -24.97 27.45 -1.69
CA GLY B 66 -23.93 28.47 -1.62
C GLY B 66 -22.74 27.97 -0.81
N HIS B 67 -21.59 28.63 -1.01
CA HIS B 67 -20.37 28.31 -0.29
C HIS B 67 -19.98 29.49 0.60
N GLN B 68 -19.83 29.22 1.90
CA GLN B 68 -19.30 30.19 2.84
C GLN B 68 -18.56 29.39 3.92
N ALA B 69 -17.53 30.03 4.50
CA ALA B 69 -16.61 29.36 5.39
C ALA B 69 -17.37 28.57 6.46
N GLU B 70 -18.47 29.12 6.96
CA GLU B 70 -19.13 28.58 8.15
C GLU B 70 -19.89 27.29 7.84
N ASN B 71 -20.09 26.98 6.56
CA ASN B 71 -20.73 25.71 6.21
C ASN B 71 -19.88 24.53 6.68
N ALA B 72 -18.57 24.74 6.88
CA ALA B 72 -17.66 23.69 7.30
C ALA B 72 -17.45 23.69 8.82
N ASP B 73 -18.16 24.54 9.57
CA ASP B 73 -18.00 24.59 11.00
C ASP B 73 -18.38 23.24 11.60
N GLY B 74 -17.53 22.73 12.50
CA GLY B 74 -17.79 21.46 13.18
C GLY B 74 -17.49 20.25 12.31
N ALA B 75 -16.97 20.43 11.10
CA ALA B 75 -16.59 19.28 10.28
C ALA B 75 -15.31 18.66 10.85
N ASP B 76 -15.29 17.33 10.95
CA ASP B 76 -14.10 16.59 11.33
C ASP B 76 -13.27 16.29 10.08
N VAL B 77 -13.93 16.16 8.93
CA VAL B 77 -13.24 15.88 7.68
C VAL B 77 -14.06 16.44 6.54
N LEU B 78 -13.36 16.91 5.50
CA LEU B 78 -13.95 17.37 4.26
C LEU B 78 -13.70 16.35 3.16
N VAL B 79 -14.69 16.23 2.27
CA VAL B 79 -14.57 15.52 1.01
C VAL B 79 -14.87 16.52 -0.10
N VAL B 80 -13.98 16.65 -1.09
CA VAL B 80 -14.18 17.62 -2.14
C VAL B 80 -14.25 16.92 -3.50
N SER B 81 -15.14 17.42 -4.37
CA SER B 81 -15.17 17.00 -5.76
C SER B 81 -14.02 17.64 -6.51
N SER B 82 -13.78 17.18 -7.73
CA SER B 82 -12.71 17.69 -8.58
C SER B 82 -13.05 19.11 -9.03
N ALA B 83 -14.34 19.48 -8.95
CA ALA B 83 -14.81 20.80 -9.35
C ALA B 83 -14.51 21.86 -8.29
N ILE B 84 -14.09 21.45 -7.09
CA ILE B 84 -13.86 22.41 -6.02
C ILE B 84 -12.43 22.93 -6.08
N ASN B 85 -12.30 24.25 -5.90
CA ASN B 85 -11.04 24.97 -5.85
C ASN B 85 -10.56 25.05 -4.40
N ARG B 86 -9.24 25.19 -4.20
CA ARG B 86 -8.63 25.31 -2.87
C ARG B 86 -8.97 26.65 -2.20
N ALA B 87 -9.26 27.68 -3.01
CA ALA B 87 -9.69 28.98 -2.51
C ALA B 87 -11.18 28.99 -2.19
N ASN B 88 -11.91 27.88 -2.41
CA ASN B 88 -13.27 27.75 -1.89
C ASN B 88 -13.23 28.02 -0.40
N PRO B 89 -14.06 28.95 0.13
CA PRO B 89 -13.95 29.36 1.53
C PRO B 89 -14.10 28.22 2.54
N GLU B 90 -14.83 27.18 2.16
CA GLU B 90 -15.00 26.03 3.05
C GLU B 90 -13.71 25.22 3.13
N VAL B 91 -13.04 25.05 1.99
CA VAL B 91 -11.78 24.33 1.94
C VAL B 91 -10.73 25.14 2.68
N ALA B 92 -10.61 26.43 2.32
CA ALA B 92 -9.67 27.36 2.95
C ALA B 92 -9.81 27.33 4.47
N SER B 93 -11.06 27.39 4.94
CA SER B 93 -11.34 27.38 6.37
C SER B 93 -10.86 26.07 7.01
N ALA B 94 -11.13 24.94 6.36
CA ALA B 94 -10.71 23.64 6.86
C ALA B 94 -9.18 23.56 6.93
N LEU B 95 -8.50 24.09 5.91
CA LEU B 95 -7.05 24.02 5.87
C LEU B 95 -6.47 24.89 6.99
N GLU B 96 -6.99 26.11 7.13
CA GLU B 96 -6.51 27.06 8.13
C GLU B 96 -6.61 26.44 9.52
N ARG B 97 -7.64 25.60 9.75
CA ARG B 97 -7.86 25.00 11.06
C ARG B 97 -7.44 23.52 11.06
N ARG B 98 -6.66 23.11 10.05
CA ARG B 98 -5.99 21.82 10.04
C ARG B 98 -6.99 20.66 10.01
N ILE B 99 -8.15 20.86 9.38
CA ILE B 99 -9.09 19.78 9.17
C ILE B 99 -8.69 19.04 7.90
N PRO B 100 -8.66 17.69 7.91
CA PRO B 100 -8.28 16.94 6.71
C PRO B 100 -9.26 17.14 5.55
N VAL B 101 -8.70 17.39 4.37
CA VAL B 101 -9.47 17.52 3.14
C VAL B 101 -9.15 16.36 2.21
N VAL B 102 -10.14 15.49 2.00
CA VAL B 102 -9.95 14.23 1.30
C VAL B 102 -10.62 14.31 -0.07
N PRO B 103 -9.91 13.98 -1.18
CA PRO B 103 -10.55 13.86 -2.48
C PRO B 103 -11.64 12.81 -2.54
N ARG B 104 -12.64 13.05 -3.40
CA ARG B 104 -13.78 12.16 -3.54
C ARG B 104 -13.33 10.72 -3.78
N ALA B 105 -12.38 10.53 -4.71
CA ALA B 105 -11.96 9.19 -5.12
C ALA B 105 -11.36 8.43 -3.95
N GLU B 106 -10.68 9.15 -3.06
CA GLU B 106 -10.05 8.55 -1.89
C GLU B 106 -11.13 8.07 -0.91
N MET B 107 -12.15 8.89 -0.68
CA MET B 107 -13.23 8.54 0.24
C MET B 107 -14.02 7.35 -0.31
N LEU B 108 -14.23 7.33 -1.63
CA LEU B 108 -14.90 6.22 -2.29
C LEU B 108 -14.16 4.92 -1.97
N ALA B 109 -12.84 4.90 -2.12
CA ALA B 109 -12.04 3.71 -1.82
C ALA B 109 -12.18 3.30 -0.35
N GLU B 110 -12.25 4.27 0.56
CA GLU B 110 -12.33 4.03 2.00
C GLU B 110 -13.56 3.19 2.37
N LEU B 111 -14.63 3.26 1.57
CA LEU B 111 -15.88 2.58 1.88
C LEU B 111 -15.67 1.07 2.01
N MET B 112 -14.69 0.50 1.29
CA MET B 112 -14.50 -0.96 1.31
C MET B 112 -14.03 -1.45 2.68
N ARG B 113 -13.45 -0.57 3.51
CA ARG B 113 -13.05 -0.93 4.86
C ARG B 113 -14.25 -1.36 5.70
N TYR B 114 -15.46 -0.93 5.31
CA TYR B 114 -16.65 -1.10 6.12
C TYR B 114 -17.51 -2.25 5.60
N ARG B 115 -17.10 -2.88 4.50
CA ARG B 115 -17.94 -3.85 3.84
C ARG B 115 -17.11 -4.99 3.27
N HIS B 116 -17.80 -6.05 2.83
CA HIS B 116 -17.16 -7.16 2.13
C HIS B 116 -16.88 -6.71 0.70
N GLY B 117 -15.63 -6.26 0.49
CA GLY B 117 -15.24 -5.62 -0.75
C GLY B 117 -14.80 -6.62 -1.80
N ILE B 118 -15.41 -6.50 -2.98
CA ILE B 118 -15.06 -7.28 -4.16
C ILE B 118 -14.59 -6.29 -5.22
N ALA B 119 -13.28 -6.26 -5.45
CA ALA B 119 -12.67 -5.32 -6.37
C ALA B 119 -12.43 -6.03 -7.69
N VAL B 120 -12.95 -5.48 -8.79
CA VAL B 120 -12.80 -6.06 -10.10
C VAL B 120 -11.78 -5.25 -10.89
N ALA B 121 -10.61 -5.86 -11.09
CA ALA B 121 -9.48 -5.18 -11.71
C ALA B 121 -9.08 -5.92 -12.99
N GLY B 122 -8.10 -5.34 -13.69
CA GLY B 122 -7.62 -5.81 -14.99
C GLY B 122 -7.83 -4.74 -16.06
N THR B 123 -7.22 -4.92 -17.24
CA THR B 123 -7.29 -3.90 -18.27
C THR B 123 -8.68 -3.91 -18.91
N HIS B 124 -9.13 -5.09 -19.34
CA HIS B 124 -10.38 -5.22 -20.08
C HIS B 124 -11.38 -6.05 -19.30
N GLY B 125 -12.66 -5.60 -19.33
CA GLY B 125 -13.79 -6.40 -18.90
C GLY B 125 -14.28 -6.05 -17.49
N LYS B 126 -13.73 -4.99 -16.89
CA LYS B 126 -14.00 -4.66 -15.49
C LYS B 126 -15.47 -4.27 -15.32
N THR B 127 -16.00 -3.50 -16.28
CA THR B 127 -17.32 -2.90 -16.11
C THR B 127 -18.38 -3.99 -16.25
N THR B 128 -18.31 -4.76 -17.33
CA THR B 128 -19.28 -5.82 -17.58
C THR B 128 -19.21 -6.83 -16.43
N THR B 129 -18.00 -7.20 -15.97
CA THR B 129 -17.86 -8.19 -14.92
C THR B 129 -18.47 -7.67 -13.62
N THR B 130 -18.19 -6.41 -13.27
CA THR B 130 -18.77 -5.80 -12.09
C THR B 130 -20.29 -5.92 -12.18
N SER B 131 -20.84 -5.57 -13.34
CA SER B 131 -22.28 -5.52 -13.53
C SER B 131 -22.90 -6.92 -13.48
N LEU B 132 -22.19 -7.90 -14.06
CA LEU B 132 -22.59 -9.31 -14.03
C LEU B 132 -22.61 -9.84 -12.60
N ILE B 133 -21.53 -9.60 -11.83
CA ILE B 133 -21.48 -9.98 -10.44
C ILE B 133 -22.71 -9.42 -9.72
N ALA B 134 -22.98 -8.13 -9.90
CA ALA B 134 -24.11 -7.49 -9.23
C ALA B 134 -25.41 -8.19 -9.61
N SER B 135 -25.53 -8.53 -10.90
CA SER B 135 -26.73 -9.19 -11.40
C SER B 135 -26.92 -10.57 -10.75
N VAL B 136 -25.84 -11.37 -10.67
CA VAL B 136 -25.90 -12.72 -10.11
C VAL B 136 -26.18 -12.64 -8.60
N PHE B 137 -25.54 -11.70 -7.91
CA PHE B 137 -25.76 -11.51 -6.48
C PHE B 137 -27.21 -11.12 -6.22
N ALA B 138 -27.77 -10.26 -7.09
CA ALA B 138 -29.16 -9.87 -6.98
C ALA B 138 -30.08 -11.08 -7.15
N ALA B 139 -29.72 -11.99 -8.07
CA ALA B 139 -30.54 -13.17 -8.31
C ALA B 139 -30.58 -14.05 -7.06
N GLY B 140 -29.51 -14.01 -6.25
CA GLY B 140 -29.48 -14.71 -4.98
C GLY B 140 -29.94 -13.86 -3.79
N GLY B 141 -30.71 -12.78 -4.06
CA GLY B 141 -31.35 -11.98 -3.02
C GLY B 141 -30.39 -11.17 -2.16
N LEU B 142 -29.27 -10.70 -2.73
CA LEU B 142 -28.19 -10.09 -1.93
C LEU B 142 -28.13 -8.56 -2.04
N ASP B 143 -28.68 -7.98 -3.10
CA ASP B 143 -28.72 -6.53 -3.33
C ASP B 143 -27.43 -5.80 -2.95
N PRO B 144 -26.31 -6.08 -3.65
CA PRO B 144 -25.06 -5.40 -3.37
C PRO B 144 -25.09 -3.94 -3.84
N THR B 145 -24.39 -3.07 -3.11
CA THR B 145 -23.98 -1.78 -3.67
C THR B 145 -22.82 -2.05 -4.62
N PHE B 146 -22.87 -1.46 -5.83
CA PHE B 146 -21.80 -1.64 -6.79
C PHE B 146 -21.45 -0.30 -7.42
N VAL B 147 -20.20 -0.19 -7.86
CA VAL B 147 -19.60 1.06 -8.31
C VAL B 147 -19.05 0.88 -9.72
N ILE B 148 -19.58 1.68 -10.65
CA ILE B 148 -19.12 1.75 -12.03
C ILE B 148 -18.91 3.22 -12.37
N GLY B 149 -17.70 3.56 -12.85
CA GLY B 149 -17.36 4.91 -13.26
C GLY B 149 -17.52 5.92 -12.13
N GLY B 150 -17.23 5.51 -10.90
CA GLY B 150 -17.32 6.39 -9.75
C GLY B 150 -18.75 6.62 -9.27
N ARG B 151 -19.73 5.94 -9.90
CA ARG B 151 -21.12 6.07 -9.49
C ARG B 151 -21.55 4.84 -8.71
N LEU B 152 -22.23 5.07 -7.58
CA LEU B 152 -22.69 4.00 -6.71
C LEU B 152 -24.15 3.68 -7.05
N ASN B 153 -24.45 2.38 -7.15
CA ASN B 153 -25.80 1.91 -7.44
C ASN B 153 -26.12 0.70 -6.56
N ALA B 154 -27.40 0.29 -6.52
CA ALA B 154 -27.78 -0.90 -5.77
C ALA B 154 -28.85 -1.72 -6.49
N ALA B 155 -29.98 -1.10 -6.83
CA ALA B 155 -31.06 -1.78 -7.54
C ALA B 155 -32.13 -0.77 -7.94
N ALA B 159 -34.20 1.84 -1.37
CA ALA B 159 -33.11 1.28 -0.53
C ALA B 159 -31.98 2.29 -0.41
N GLN B 160 -31.28 2.24 0.74
CA GLN B 160 -30.16 3.13 0.98
C GLN B 160 -28.87 2.43 0.53
N LEU B 161 -28.14 3.08 -0.38
CA LEU B 161 -26.78 2.71 -0.73
C LEU B 161 -26.04 2.29 0.53
N GLY B 162 -25.35 1.14 0.45
CA GLY B 162 -24.47 0.72 1.53
C GLY B 162 -25.15 -0.23 2.50
N ALA B 163 -26.46 -0.47 2.33
CA ALA B 163 -27.20 -1.35 3.22
C ALA B 163 -26.61 -2.77 3.19
N SER B 164 -26.30 -3.28 2.00
CA SER B 164 -25.78 -4.63 1.86
C SER B 164 -24.40 -4.73 2.50
N ARG B 165 -24.04 -5.95 2.92
CA ARG B 165 -22.72 -6.24 3.45
CA ARG B 165 -22.72 -6.22 3.46
C ARG B 165 -21.71 -6.27 2.31
N TYR B 166 -22.22 -6.33 1.07
CA TYR B 166 -21.40 -6.45 -0.13
C TYR B 166 -21.24 -5.11 -0.84
N LEU B 167 -19.99 -4.85 -1.25
CA LEU B 167 -19.65 -3.70 -2.07
C LEU B 167 -18.77 -4.19 -3.21
N VAL B 168 -19.30 -4.11 -4.43
CA VAL B 168 -18.61 -4.57 -5.62
C VAL B 168 -18.20 -3.34 -6.43
N ALA B 169 -16.93 -3.27 -6.84
CA ALA B 169 -16.47 -2.06 -7.51
C ALA B 169 -15.41 -2.38 -8.54
N GLU B 170 -15.51 -1.69 -9.69
CA GLU B 170 -14.41 -1.56 -10.62
C GLU B 170 -13.21 -1.02 -9.86
N ALA B 171 -12.05 -1.61 -10.13
CA ALA B 171 -10.80 -1.15 -9.57
C ALA B 171 -9.88 -0.76 -10.74
N ASP B 172 -9.70 0.56 -10.87
CA ASP B 172 -8.92 1.15 -11.94
C ASP B 172 -7.49 1.36 -11.46
N GLU B 173 -6.55 0.77 -12.19
CA GLU B 173 -5.15 0.71 -11.83
C GLU B 173 -4.49 2.09 -11.94
N SER B 174 -5.09 3.01 -12.70
CA SER B 174 -4.52 4.35 -12.86
C SER B 174 -5.01 5.32 -11.78
N ASP B 175 -5.97 4.90 -10.94
CA ASP B 175 -6.46 5.74 -9.86
C ASP B 175 -5.48 5.68 -8.69
N ALA B 176 -5.28 6.82 -8.02
CA ALA B 176 -4.28 6.93 -6.96
C ALA B 176 -4.71 6.13 -5.73
N SER B 177 -6.00 5.79 -5.63
CA SER B 177 -6.48 5.02 -4.49
C SER B 177 -6.51 3.52 -4.77
N PHE B 178 -6.06 3.10 -5.96
CA PHE B 178 -6.05 1.69 -6.34
C PHE B 178 -5.25 0.89 -5.32
N LEU B 179 -4.00 1.30 -5.06
CA LEU B 179 -3.13 0.57 -4.16
C LEU B 179 -3.50 0.82 -2.70
N HIS B 180 -4.59 1.55 -2.43
CA HIS B 180 -5.07 1.75 -1.07
C HIS B 180 -6.38 1.01 -0.83
N LEU B 181 -6.97 0.40 -1.88
CA LEU B 181 -8.13 -0.45 -1.74
C LEU B 181 -7.79 -1.61 -0.80
N GLN B 182 -8.75 -1.95 0.06
CA GLN B 182 -8.65 -3.08 0.96
C GLN B 182 -9.81 -4.02 0.68
N PRO B 183 -9.77 -4.80 -0.43
CA PRO B 183 -10.80 -5.76 -0.72
C PRO B 183 -10.61 -7.06 0.05
N MET B 184 -11.71 -7.80 0.18
CA MET B 184 -11.68 -9.19 0.61
C MET B 184 -11.43 -10.11 -0.60
N VAL B 185 -11.91 -9.69 -1.78
CA VAL B 185 -11.79 -10.47 -3.01
C VAL B 185 -11.38 -9.53 -4.14
N ALA B 186 -10.38 -9.95 -4.91
CA ALA B 186 -9.89 -9.18 -6.04
C ALA B 186 -9.91 -10.06 -7.29
N VAL B 187 -10.50 -9.54 -8.38
CA VAL B 187 -10.42 -10.15 -9.70
C VAL B 187 -9.34 -9.45 -10.51
N VAL B 188 -8.60 -10.21 -11.32
CA VAL B 188 -7.76 -9.62 -12.35
C VAL B 188 -8.09 -10.33 -13.67
N THR B 189 -8.72 -9.59 -14.59
CA THR B 189 -9.22 -10.14 -15.84
C THR B 189 -8.07 -10.36 -16.83
N ASN B 190 -7.04 -9.50 -16.74
CA ASN B 190 -5.94 -9.51 -17.68
C ASN B 190 -5.07 -8.29 -17.39
N ILE B 191 -3.81 -8.35 -17.86
CA ILE B 191 -2.89 -7.25 -17.73
C ILE B 191 -2.28 -6.98 -19.11
N ASP B 192 -2.76 -5.91 -19.74
CA ASP B 192 -2.36 -5.55 -21.09
C ASP B 192 -1.69 -4.19 -21.08
N ALA B 193 -0.44 -4.14 -21.55
CA ALA B 193 0.38 -2.93 -21.49
C ALA B 193 0.46 -2.23 -22.85
N ASP B 194 -0.25 -2.74 -23.86
CA ASP B 194 -0.13 -2.24 -25.24
C ASP B 194 -0.70 -0.83 -25.36
N HIS B 195 -0.03 -0.01 -26.20
CA HIS B 195 -0.50 1.31 -26.61
C HIS B 195 -0.55 2.26 -25.42
N MET B 196 0.42 2.13 -24.51
CA MET B 196 0.59 3.04 -23.39
C MET B 196 2.04 3.59 -23.37
N ASP B 202 6.86 1.32 -17.84
CA ASP B 202 7.19 -0.02 -18.41
C ASP B 202 6.00 -0.97 -18.26
N PHE B 203 6.08 -2.08 -18.99
CA PHE B 203 5.27 -3.26 -18.77
C PHE B 203 5.60 -3.87 -17.41
N ASN B 204 6.87 -3.76 -17.00
CA ASN B 204 7.34 -4.35 -15.75
C ASN B 204 6.68 -3.65 -14.57
N LYS B 205 6.49 -2.33 -14.69
CA LYS B 205 5.91 -1.54 -13.62
C LYS B 205 4.44 -1.90 -13.47
N LEU B 206 3.78 -2.18 -14.61
CA LEU B 206 2.36 -2.51 -14.61
C LEU B 206 2.16 -3.81 -13.85
N LYS B 207 2.97 -4.84 -14.16
CA LYS B 207 2.91 -6.12 -13.48
C LYS B 207 3.08 -5.94 -11.97
N LYS B 208 4.09 -5.16 -11.58
CA LYS B 208 4.38 -4.93 -10.17
C LYS B 208 3.20 -4.25 -9.49
N THR B 209 2.55 -3.30 -10.18
CA THR B 209 1.37 -2.62 -9.67
C THR B 209 0.29 -3.65 -9.29
N PHE B 210 0.03 -4.59 -10.20
CA PHE B 210 -0.99 -5.62 -9.97
C PHE B 210 -0.57 -6.56 -8.84
N VAL B 211 0.72 -6.90 -8.78
CA VAL B 211 1.22 -7.76 -7.71
C VAL B 211 0.98 -7.07 -6.37
N GLU B 212 1.28 -5.76 -6.32
CA GLU B 212 1.17 -4.99 -5.10
C GLU B 212 -0.30 -4.88 -4.68
N PHE B 213 -1.18 -4.68 -5.67
CA PHE B 213 -2.62 -4.57 -5.42
C PHE B 213 -3.12 -5.86 -4.78
N LEU B 214 -2.71 -7.00 -5.35
CA LEU B 214 -3.15 -8.29 -4.87
C LEU B 214 -2.64 -8.53 -3.45
N HIS B 215 -1.45 -8.00 -3.11
CA HIS B 215 -0.93 -8.15 -1.76
C HIS B 215 -1.68 -7.28 -0.75
N ASN B 216 -2.60 -6.40 -1.19
CA ASN B 216 -3.48 -5.72 -0.25
C ASN B 216 -4.57 -6.65 0.26
N LEU B 217 -4.81 -7.77 -0.43
CA LEU B 217 -5.69 -8.80 0.09
C LEU B 217 -5.15 -9.24 1.44
N PRO B 218 -6.01 -9.58 2.42
CA PRO B 218 -5.54 -10.28 3.60
C PRO B 218 -5.00 -11.66 3.21
N PHE B 219 -4.19 -12.27 4.08
CA PHE B 219 -3.62 -13.56 3.76
C PHE B 219 -4.73 -14.58 3.59
N TYR B 220 -5.93 -14.33 4.16
CA TYR B 220 -7.07 -15.23 4.00
C TYR B 220 -8.05 -14.76 2.93
N GLY B 221 -7.73 -13.69 2.17
CA GLY B 221 -8.62 -13.22 1.11
C GLY B 221 -8.49 -14.06 -0.16
N LEU B 222 -9.06 -13.58 -1.28
CA LEU B 222 -9.12 -14.40 -2.48
C LEU B 222 -8.78 -13.59 -3.73
N ALA B 223 -7.82 -14.11 -4.50
CA ALA B 223 -7.46 -13.58 -5.82
C ALA B 223 -8.08 -14.46 -6.91
N VAL B 224 -8.82 -13.83 -7.82
CA VAL B 224 -9.51 -14.53 -8.90
C VAL B 224 -8.87 -14.09 -10.21
N MET B 225 -8.11 -15.02 -10.81
CA MET B 225 -7.11 -14.69 -11.81
C MET B 225 -7.40 -15.40 -13.12
N CYS B 226 -7.44 -14.63 -14.22
CA CYS B 226 -7.64 -15.17 -15.55
C CYS B 226 -6.31 -15.71 -16.12
N VAL B 227 -6.16 -17.03 -16.12
CA VAL B 227 -4.91 -17.65 -16.52
C VAL B 227 -4.83 -17.76 -18.04
N ASP B 228 -5.93 -17.46 -18.74
CA ASP B 228 -5.87 -17.33 -20.19
C ASP B 228 -5.01 -16.14 -20.59
N ASP B 229 -4.87 -15.15 -19.69
CA ASP B 229 -4.03 -14.00 -19.97
C ASP B 229 -2.56 -14.34 -19.68
N PRO B 230 -1.65 -14.21 -20.66
CA PRO B 230 -0.26 -14.61 -20.47
C PRO B 230 0.45 -13.91 -19.31
N VAL B 231 0.12 -12.63 -19.07
CA VAL B 231 0.80 -11.83 -18.06
C VAL B 231 0.28 -12.21 -16.67
N VAL B 232 -1.03 -12.46 -16.55
CA VAL B 232 -1.60 -12.97 -15.30
C VAL B 232 -0.91 -14.28 -14.94
N ARG B 233 -0.82 -15.19 -15.93
CA ARG B 233 -0.20 -16.49 -15.70
C ARG B 233 1.22 -16.30 -15.16
N GLU B 234 1.96 -15.36 -15.79
CA GLU B 234 3.34 -15.10 -15.46
C GLU B 234 3.52 -14.64 -14.01
N ILE B 235 2.59 -13.82 -13.48
CA ILE B 235 2.73 -13.25 -12.15
C ILE B 235 2.09 -14.15 -11.08
N LEU B 236 1.41 -15.21 -11.50
CA LEU B 236 0.73 -16.11 -10.58
C LEU B 236 1.65 -16.49 -9.41
N PRO B 237 2.93 -16.91 -9.65
CA PRO B 237 3.82 -17.32 -8.56
C PRO B 237 4.16 -16.27 -7.52
N GLN B 238 3.99 -14.97 -7.85
CA GLN B 238 4.34 -13.88 -6.96
C GLN B 238 3.16 -13.48 -6.05
N ILE B 239 1.99 -14.11 -6.20
CA ILE B 239 0.81 -13.57 -5.55
C ILE B 239 0.83 -13.84 -4.05
N ALA B 240 1.01 -15.09 -3.63
CA ALA B 240 1.16 -15.39 -2.21
C ALA B 240 -0.14 -15.14 -1.43
N ARG B 241 -1.26 -15.33 -2.12
CA ARG B 241 -2.57 -15.29 -1.51
C ARG B 241 -3.35 -16.48 -2.05
N PRO B 242 -4.43 -16.91 -1.37
CA PRO B 242 -5.35 -17.89 -1.95
C PRO B 242 -5.84 -17.44 -3.32
N THR B 243 -5.71 -18.33 -4.32
CA THR B 243 -5.95 -18.02 -5.71
C THR B 243 -6.86 -19.08 -6.33
N VAL B 244 -7.78 -18.63 -7.17
CA VAL B 244 -8.59 -19.49 -8.03
C VAL B 244 -8.45 -18.95 -9.44
N THR B 245 -7.94 -19.78 -10.36
CA THR B 245 -7.74 -19.38 -11.74
C THR B 245 -9.00 -19.72 -12.53
N TYR B 246 -9.24 -18.98 -13.62
CA TYR B 246 -10.35 -19.24 -14.51
C TYR B 246 -9.89 -18.99 -15.95
N GLY B 247 -10.63 -19.57 -16.89
CA GLY B 247 -10.32 -19.43 -18.30
C GLY B 247 -10.80 -20.64 -19.10
N LEU B 248 -10.46 -20.67 -20.39
CA LEU B 248 -10.63 -21.84 -21.22
C LEU B 248 -9.45 -22.78 -21.02
N SER B 249 -8.31 -22.24 -20.54
CA SER B 249 -7.11 -23.05 -20.32
C SER B 249 -7.46 -24.34 -19.59
N GLU B 250 -6.83 -25.44 -20.02
CA GLU B 250 -7.10 -26.77 -19.48
C GLU B 250 -6.68 -26.86 -18.02
N ASP B 251 -5.68 -26.06 -17.62
CA ASP B 251 -5.18 -26.07 -16.26
C ASP B 251 -5.87 -25.02 -15.39
N ALA B 252 -6.94 -24.39 -15.88
CA ALA B 252 -7.67 -23.42 -15.07
C ALA B 252 -8.51 -24.17 -14.03
N ASP B 253 -8.61 -23.58 -12.83
CA ASP B 253 -9.39 -24.17 -11.75
C ASP B 253 -10.87 -24.16 -12.12
N VAL B 254 -11.32 -23.07 -12.73
CA VAL B 254 -12.70 -22.97 -13.20
C VAL B 254 -12.66 -22.73 -14.71
N ARG B 255 -13.34 -23.62 -15.44
CA ARG B 255 -13.17 -23.77 -16.87
C ARG B 255 -14.53 -23.70 -17.57
N ALA B 256 -14.54 -23.05 -18.73
CA ALA B 256 -15.64 -23.15 -19.66
C ALA B 256 -15.29 -24.19 -20.74
N ILE B 257 -16.22 -25.11 -20.99
CA ILE B 257 -16.10 -26.04 -22.10
C ILE B 257 -17.44 -26.09 -22.83
N ASN B 258 -17.43 -26.72 -24.01
CA ASN B 258 -18.65 -26.98 -24.77
C ASN B 258 -19.32 -25.64 -25.06
N ILE B 259 -18.52 -24.69 -25.55
CA ILE B 259 -19.01 -23.36 -25.86
C ILE B 259 -19.70 -23.42 -27.22
N ARG B 260 -20.96 -22.96 -27.28
CA ARG B 260 -21.68 -22.91 -28.54
C ARG B 260 -22.52 -21.64 -28.57
N GLN B 261 -22.60 -21.01 -29.75
CA GLN B 261 -23.28 -19.74 -29.92
C GLN B 261 -24.57 -19.98 -30.71
N GLU B 262 -25.64 -19.32 -30.26
CA GLU B 262 -26.97 -19.49 -30.83
C GLU B 262 -27.60 -18.10 -30.98
N GLY B 263 -27.31 -17.46 -32.12
CA GLY B 263 -27.68 -16.05 -32.31
C GLY B 263 -26.95 -15.17 -31.30
N MET B 264 -27.71 -14.44 -30.48
CA MET B 264 -27.16 -13.52 -29.51
C MET B 264 -26.75 -14.24 -28.22
N ARG B 265 -27.09 -15.53 -28.10
CA ARG B 265 -26.95 -16.27 -26.86
C ARG B 265 -25.78 -17.25 -26.96
N THR B 266 -24.94 -17.28 -25.91
CA THR B 266 -23.84 -18.22 -25.83
C THR B 266 -24.15 -19.24 -24.73
N TRP B 267 -24.03 -20.53 -25.07
CA TRP B 267 -24.14 -21.62 -24.11
C TRP B 267 -22.74 -22.15 -23.83
N PHE B 268 -22.52 -22.58 -22.58
CA PHE B 268 -21.27 -23.26 -22.22
C PHE B 268 -21.47 -24.01 -20.90
N THR B 269 -20.56 -24.96 -20.65
CA THR B 269 -20.54 -25.71 -19.41
C THR B 269 -19.38 -25.23 -18.56
N VAL B 270 -19.62 -25.03 -17.27
CA VAL B 270 -18.58 -24.56 -16.36
C VAL B 270 -18.19 -25.69 -15.42
N LEU B 271 -16.90 -26.00 -15.40
CA LEU B 271 -16.31 -26.97 -14.50
C LEU B 271 -15.75 -26.23 -13.30
N ARG B 272 -16.13 -26.70 -12.09
CA ARG B 272 -15.66 -26.12 -10.84
C ARG B 272 -15.19 -27.24 -9.92
N PRO B 273 -14.13 -27.02 -9.10
CA PRO B 273 -13.68 -28.04 -8.17
C PRO B 273 -14.79 -28.53 -7.22
N GLU B 274 -14.89 -29.87 -7.08
CA GLU B 274 -15.78 -30.53 -6.14
C GLU B 274 -17.25 -30.21 -6.42
N ARG B 275 -17.55 -29.91 -7.69
CA ARG B 275 -18.92 -29.66 -8.12
CA ARG B 275 -18.91 -29.63 -8.15
C ARG B 275 -19.16 -30.43 -9.41
N GLU B 276 -20.43 -30.73 -9.69
CA GLU B 276 -20.83 -31.31 -10.96
CA GLU B 276 -20.80 -31.32 -10.96
C GLU B 276 -20.76 -30.22 -12.02
N PRO B 277 -20.52 -30.55 -13.31
CA PRO B 277 -20.56 -29.54 -14.36
C PRO B 277 -21.87 -28.77 -14.34
N LEU B 278 -21.81 -27.48 -14.71
CA LEU B 278 -22.98 -26.61 -14.67
C LEU B 278 -23.15 -25.94 -16.04
N ASP B 279 -24.32 -26.14 -16.64
CA ASP B 279 -24.67 -25.60 -17.93
C ASP B 279 -25.28 -24.21 -17.73
N VAL B 280 -24.77 -23.24 -18.50
CA VAL B 280 -25.24 -21.87 -18.37
C VAL B 280 -25.33 -21.28 -19.77
N SER B 281 -26.09 -20.17 -19.86
CA SER B 281 -26.10 -19.34 -21.04
C SER B 281 -25.95 -17.88 -20.61
N VAL B 282 -25.48 -17.05 -21.55
CA VAL B 282 -25.47 -15.62 -21.35
C VAL B 282 -25.98 -15.00 -22.64
N ASN B 283 -26.77 -13.93 -22.52
CA ASN B 283 -27.51 -13.41 -23.65
C ASN B 283 -26.73 -12.24 -24.26
N MET B 284 -25.48 -12.51 -24.62
CA MET B 284 -24.60 -11.53 -25.23
C MET B 284 -23.40 -12.29 -25.79
N PRO B 285 -23.07 -12.13 -27.09
CA PRO B 285 -22.11 -13.02 -27.74
C PRO B 285 -20.66 -12.60 -27.55
N GLY B 286 -19.75 -13.54 -27.83
CA GLY B 286 -18.32 -13.28 -27.78
C GLY B 286 -17.66 -14.02 -26.63
N LEU B 287 -16.44 -14.50 -26.89
CA LEU B 287 -15.65 -15.24 -25.93
C LEU B 287 -15.37 -14.38 -24.69
N HIS B 288 -15.24 -13.06 -24.90
CA HIS B 288 -14.94 -12.14 -23.80
C HIS B 288 -16.04 -12.25 -22.74
N ASN B 289 -17.28 -12.52 -23.14
CA ASN B 289 -18.38 -12.60 -22.18
C ASN B 289 -18.44 -13.94 -21.46
N VAL B 290 -17.88 -14.99 -22.08
CA VAL B 290 -17.68 -16.25 -21.38
C VAL B 290 -16.70 -16.02 -20.23
N LEU B 291 -15.64 -15.26 -20.48
CA LEU B 291 -14.62 -14.97 -19.48
C LEU B 291 -15.21 -14.11 -18.36
N ASN B 292 -16.03 -13.11 -18.71
CA ASN B 292 -16.73 -12.30 -17.72
C ASN B 292 -17.58 -13.16 -16.80
N SER B 293 -18.33 -14.08 -17.42
CA SER B 293 -19.21 -15.01 -16.73
C SER B 293 -18.42 -15.91 -15.78
N LEU B 294 -17.28 -16.42 -16.26
CA LEU B 294 -16.42 -17.30 -15.48
C LEU B 294 -15.94 -16.61 -14.21
N ALA B 295 -15.45 -15.36 -14.34
CA ALA B 295 -14.99 -14.61 -13.18
C ALA B 295 -16.13 -14.47 -12.17
N THR B 296 -17.34 -14.17 -12.68
CA THR B 296 -18.53 -14.01 -11.85
C THR B 296 -18.84 -15.32 -11.13
N ILE B 297 -18.71 -16.44 -11.84
CA ILE B 297 -19.06 -17.73 -11.27
C ILE B 297 -18.08 -18.08 -10.16
N VAL B 298 -16.78 -17.86 -10.37
CA VAL B 298 -15.82 -18.07 -9.30
C VAL B 298 -16.30 -17.32 -8.05
N ILE B 299 -16.69 -16.06 -8.20
CA ILE B 299 -17.01 -15.23 -7.05
C ILE B 299 -18.33 -15.65 -6.42
N ALA B 300 -19.35 -15.94 -7.24
CA ALA B 300 -20.63 -16.40 -6.73
C ALA B 300 -20.47 -17.75 -6.02
N THR B 301 -19.62 -18.62 -6.56
CA THR B 301 -19.44 -19.96 -6.02
C THR B 301 -18.77 -19.85 -4.66
N ASP B 302 -17.70 -19.04 -4.60
CA ASP B 302 -16.94 -18.86 -3.38
C ASP B 302 -17.80 -18.22 -2.30
N GLU B 303 -18.80 -17.43 -2.71
CA GLU B 303 -19.70 -16.77 -1.79
C GLU B 303 -20.85 -17.68 -1.35
N GLY B 304 -21.01 -18.83 -2.02
CA GLY B 304 -22.01 -19.81 -1.63
C GLY B 304 -23.38 -19.52 -2.27
N ILE B 305 -23.38 -18.89 -3.45
CA ILE B 305 -24.61 -18.60 -4.17
C ILE B 305 -25.02 -19.86 -4.94
N SER B 306 -26.34 -20.08 -5.04
CA SER B 306 -26.88 -21.30 -5.61
C SER B 306 -26.65 -21.34 -7.11
N ASP B 307 -26.69 -22.55 -7.67
CA ASP B 307 -26.60 -22.78 -9.10
C ASP B 307 -27.76 -22.10 -9.82
N GLU B 308 -28.94 -22.08 -9.18
CA GLU B 308 -30.14 -21.50 -9.76
C GLU B 308 -29.99 -19.99 -9.95
N ALA B 309 -29.43 -19.31 -8.94
CA ALA B 309 -29.21 -17.88 -8.99
C ALA B 309 -28.18 -17.54 -10.06
N ILE B 310 -27.09 -18.32 -10.12
CA ILE B 310 -26.05 -18.14 -11.12
C ILE B 310 -26.67 -18.24 -12.51
N VAL B 311 -27.47 -19.29 -12.75
CA VAL B 311 -28.07 -19.52 -14.06
C VAL B 311 -28.97 -18.34 -14.41
N GLN B 312 -29.82 -17.91 -13.48
CA GLN B 312 -30.78 -16.85 -13.75
C GLN B 312 -30.05 -15.51 -13.96
N GLY B 313 -29.09 -15.19 -13.07
CA GLY B 313 -28.34 -13.96 -13.17
C GLY B 313 -27.66 -13.81 -14.53
N LEU B 314 -26.94 -14.85 -14.97
CA LEU B 314 -26.24 -14.82 -16.24
C LEU B 314 -27.23 -14.75 -17.41
N SER B 315 -28.31 -15.55 -17.33
CA SER B 315 -29.21 -15.75 -18.44
C SER B 315 -29.95 -14.47 -18.81
N GLY B 316 -30.42 -13.74 -17.79
CA GLY B 316 -31.25 -12.57 -18.01
C GLY B 316 -30.45 -11.27 -17.97
N PHE B 317 -29.13 -11.36 -18.20
CA PHE B 317 -28.28 -10.18 -18.20
C PHE B 317 -28.28 -9.56 -19.59
N GLN B 318 -28.67 -8.28 -19.65
CA GLN B 318 -28.93 -7.58 -20.89
C GLN B 318 -27.63 -7.12 -21.53
N GLY B 319 -26.74 -6.53 -20.72
CA GLY B 319 -25.48 -5.99 -21.20
C GLY B 319 -25.27 -4.60 -20.59
N VAL B 320 -24.07 -4.03 -20.83
CA VAL B 320 -23.83 -2.64 -20.46
C VAL B 320 -23.83 -1.81 -21.76
N GLY B 321 -24.58 -0.69 -21.72
CA GLY B 321 -24.77 0.15 -22.88
C GLY B 321 -23.45 0.64 -23.47
N ARG B 322 -23.21 0.31 -24.74
CA ARG B 322 -22.07 0.78 -25.50
C ARG B 322 -20.75 0.16 -25.00
N ARG B 323 -20.84 -0.98 -24.31
CA ARG B 323 -19.69 -1.82 -24.03
CA ARG B 323 -19.68 -1.82 -24.05
C ARG B 323 -19.80 -3.05 -24.93
N PHE B 324 -19.16 -2.99 -26.12
CA PHE B 324 -19.27 -4.03 -27.12
C PHE B 324 -20.73 -4.51 -27.20
N GLN B 325 -21.64 -3.57 -27.46
CA GLN B 325 -23.04 -3.88 -27.62
C GLN B 325 -23.32 -4.28 -29.07
N VAL B 326 -23.81 -5.51 -29.27
CA VAL B 326 -24.25 -5.98 -30.57
C VAL B 326 -25.70 -5.53 -30.78
N TYR B 327 -25.92 -4.62 -31.73
CA TYR B 327 -27.23 -4.01 -31.98
C TYR B 327 -28.08 -4.89 -32.89
N GLY B 328 -27.45 -5.90 -33.52
CA GLY B 328 -28.17 -6.81 -34.39
C GLY B 328 -27.66 -6.75 -35.82
N GLU B 329 -28.58 -6.59 -36.78
CA GLU B 329 -28.32 -6.89 -38.18
C GLU B 329 -28.86 -5.78 -39.08
N LEU B 330 -28.06 -5.40 -40.08
CA LEU B 330 -28.47 -4.50 -41.14
C LEU B 330 -28.59 -5.33 -42.42
N GLN B 331 -29.69 -5.13 -43.16
CA GLN B 331 -29.94 -5.89 -44.37
C GLN B 331 -29.29 -5.17 -45.56
N VAL B 332 -28.50 -5.92 -46.32
CA VAL B 332 -27.93 -5.44 -47.57
C VAL B 332 -28.21 -6.48 -48.64
N GLU B 333 -27.88 -6.13 -49.89
CA GLU B 333 -27.93 -7.05 -51.00
C GLU B 333 -27.13 -8.30 -50.65
N GLY B 334 -27.81 -9.45 -50.57
CA GLY B 334 -27.14 -10.75 -50.53
C GLY B 334 -26.92 -11.25 -49.11
N GLY B 335 -27.52 -10.60 -48.11
CA GLY B 335 -27.33 -11.00 -46.73
C GLY B 335 -27.35 -9.81 -45.78
N SER B 336 -26.48 -9.83 -44.76
CA SER B 336 -26.57 -8.84 -43.70
C SER B 336 -25.20 -8.46 -43.12
N VAL B 337 -25.22 -7.37 -42.34
CA VAL B 337 -24.05 -6.81 -41.69
C VAL B 337 -24.32 -6.77 -40.18
N MET B 338 -23.45 -7.37 -39.38
CA MET B 338 -23.57 -7.29 -37.93
C MET B 338 -23.11 -5.91 -37.46
N LEU B 339 -24.00 -5.20 -36.75
CA LEU B 339 -23.70 -3.89 -36.20
C LEU B 339 -23.23 -4.02 -34.75
N VAL B 340 -22.03 -3.48 -34.47
CA VAL B 340 -21.48 -3.44 -33.11
C VAL B 340 -21.18 -1.99 -32.74
N ASP B 341 -21.38 -1.67 -31.46
CA ASP B 341 -21.23 -0.32 -30.94
C ASP B 341 -20.39 -0.33 -29.66
N ASP B 342 -19.43 0.60 -29.54
CA ASP B 342 -18.58 0.68 -28.36
C ASP B 342 -18.01 2.09 -28.19
N TYR B 343 -18.00 2.58 -26.94
CA TYR B 343 -17.71 3.98 -26.63
C TYR B 343 -16.21 4.22 -26.46
N GLY B 344 -15.38 3.17 -26.45
CA GLY B 344 -13.96 3.31 -26.23
C GLY B 344 -13.30 4.33 -27.17
N HIS B 345 -12.47 5.20 -26.59
CA HIS B 345 -11.84 6.27 -27.35
C HIS B 345 -10.37 6.44 -26.96
N HIS B 346 -9.78 5.40 -26.37
CA HIS B 346 -8.35 5.31 -26.16
CA HIS B 346 -8.34 5.31 -26.17
C HIS B 346 -7.83 4.17 -27.04
N PRO B 347 -6.63 4.27 -27.64
CA PRO B 347 -6.13 3.21 -28.52
C PRO B 347 -6.20 1.79 -27.95
N ARG B 348 -5.89 1.64 -26.67
CA ARG B 348 -5.83 0.33 -26.04
C ARG B 348 -7.21 -0.32 -25.98
N GLU B 349 -8.24 0.48 -25.70
CA GLU B 349 -9.61 -0.01 -25.67
C GLU B 349 -10.05 -0.40 -27.09
N VAL B 350 -9.65 0.39 -28.08
CA VAL B 350 -10.10 0.15 -29.45
C VAL B 350 -9.47 -1.15 -29.97
N ALA B 351 -8.18 -1.33 -29.66
CA ALA B 351 -7.43 -2.51 -30.08
C ALA B 351 -8.07 -3.78 -29.52
N ALA B 352 -8.59 -3.71 -28.30
CA ALA B 352 -9.19 -4.87 -27.68
C ALA B 352 -10.52 -5.19 -28.34
N VAL B 353 -11.29 -4.17 -28.70
CA VAL B 353 -12.55 -4.34 -29.39
C VAL B 353 -12.30 -5.03 -30.74
N ILE B 354 -11.28 -4.57 -31.47
CA ILE B 354 -10.98 -5.12 -32.78
C ILE B 354 -10.52 -6.57 -32.64
N LYS B 355 -9.71 -6.85 -31.62
CA LYS B 355 -9.22 -8.20 -31.37
C LYS B 355 -10.41 -9.11 -31.03
N ALA B 356 -11.38 -8.61 -30.26
CA ALA B 356 -12.58 -9.37 -29.95
C ALA B 356 -13.39 -9.71 -31.20
N ILE B 357 -13.36 -8.83 -32.22
CA ILE B 357 -14.07 -9.09 -33.46
C ILE B 357 -13.30 -10.11 -34.31
N ARG B 358 -11.97 -9.99 -34.36
CA ARG B 358 -11.14 -10.91 -35.12
C ARG B 358 -11.17 -12.32 -34.54
N GLY B 359 -11.31 -12.43 -33.22
CA GLY B 359 -11.30 -13.72 -32.56
C GLY B 359 -12.64 -14.44 -32.69
N GLY B 360 -13.74 -13.68 -32.53
CA GLY B 360 -15.08 -14.24 -32.56
C GLY B 360 -15.57 -14.51 -33.98
N TRP B 361 -15.13 -13.70 -34.94
CA TRP B 361 -15.65 -13.75 -36.30
C TRP B 361 -14.50 -13.56 -37.30
N PRO B 362 -13.54 -14.51 -37.34
CA PRO B 362 -12.28 -14.30 -38.06
C PRO B 362 -12.40 -14.16 -39.57
N GLU B 363 -13.58 -14.48 -40.12
CA GLU B 363 -13.76 -14.48 -41.57
C GLU B 363 -14.40 -13.16 -42.03
N ARG B 364 -14.96 -12.39 -41.09
CA ARG B 364 -15.83 -11.28 -41.43
C ARG B 364 -15.03 -9.99 -41.55
N ARG B 365 -15.26 -9.27 -42.65
CA ARG B 365 -14.54 -8.05 -42.95
C ARG B 365 -15.02 -6.95 -42.01
N LEU B 366 -14.06 -6.21 -41.43
CA LEU B 366 -14.36 -5.20 -40.43
C LEU B 366 -14.40 -3.82 -41.08
N VAL B 367 -15.59 -3.21 -41.07
CA VAL B 367 -15.80 -1.82 -41.44
C VAL B 367 -15.96 -1.03 -40.15
N MET B 368 -15.04 -0.09 -39.88
CA MET B 368 -15.05 0.67 -38.64
C MET B 368 -15.34 2.15 -38.92
N VAL B 369 -16.29 2.69 -38.15
CA VAL B 369 -16.48 4.11 -38.02
C VAL B 369 -15.84 4.53 -36.69
N TYR B 370 -14.90 5.47 -36.78
CA TYR B 370 -14.20 5.94 -35.60
C TYR B 370 -14.25 7.46 -35.58
N GLN B 371 -14.60 8.03 -34.42
CA GLN B 371 -14.45 9.45 -34.18
C GLN B 371 -13.48 9.65 -33.01
N PRO B 372 -12.34 10.34 -33.19
CA PRO B 372 -11.49 10.68 -32.06
C PRO B 372 -12.16 11.68 -31.11
N HIS B 373 -11.94 11.48 -29.80
CA HIS B 373 -12.43 12.38 -28.77
C HIS B 373 -11.28 13.22 -28.26
N ARG B 374 -11.42 14.55 -28.42
CA ARG B 374 -10.47 15.57 -27.97
C ARG B 374 -9.28 15.65 -28.93
N TYR B 375 -8.80 16.89 -29.13
CA TYR B 375 -7.60 17.14 -29.89
C TYR B 375 -6.37 16.82 -29.05
N THR B 376 -6.43 17.10 -27.75
CA THR B 376 -5.31 16.85 -26.85
C THR B 376 -4.99 15.35 -26.84
N ARG B 377 -6.03 14.52 -26.73
CA ARG B 377 -5.86 13.08 -26.70
C ARG B 377 -5.32 12.60 -28.03
N THR B 378 -5.82 13.18 -29.13
CA THR B 378 -5.37 12.79 -30.46
C THR B 378 -3.88 13.12 -30.59
N ARG B 379 -3.48 14.29 -30.09
CA ARG B 379 -2.08 14.71 -30.11
C ARG B 379 -1.23 13.74 -29.28
N ASP B 380 -1.67 13.49 -28.05
CA ASP B 380 -0.87 12.77 -27.08
C ASP B 380 -0.69 11.31 -27.49
N LEU B 381 -1.71 10.70 -28.10
CA LEU B 381 -1.70 9.27 -28.38
C LEU B 381 -1.67 9.01 -29.89
N TYR B 382 -1.24 10.02 -30.65
CA TYR B 382 -1.36 10.04 -32.10
C TYR B 382 -0.83 8.76 -32.75
N GLU B 383 0.41 8.37 -32.41
CA GLU B 383 1.09 7.29 -33.12
C GLU B 383 0.37 5.96 -32.83
N ASP B 384 -0.20 5.85 -31.63
CA ASP B 384 -0.96 4.68 -31.23
C ASP B 384 -2.27 4.61 -32.01
N PHE B 385 -2.90 5.76 -32.30
CA PHE B 385 -4.11 5.79 -33.10
C PHE B 385 -3.81 5.31 -34.52
N VAL B 386 -2.68 5.76 -35.08
CA VAL B 386 -2.31 5.40 -36.44
C VAL B 386 -2.23 3.89 -36.54
N GLN B 387 -1.57 3.27 -35.55
CA GLN B 387 -1.34 1.84 -35.52
C GLN B 387 -2.66 1.07 -35.36
N VAL B 388 -3.45 1.42 -34.34
CA VAL B 388 -4.64 0.65 -34.00
CA VAL B 388 -4.64 0.65 -34.00
C VAL B 388 -5.72 0.83 -35.07
N LEU B 389 -5.94 2.07 -35.51
CA LEU B 389 -7.02 2.35 -36.47
C LEU B 389 -6.72 1.64 -37.79
N GLY B 390 -5.42 1.43 -38.08
CA GLY B 390 -4.98 0.77 -39.30
C GLY B 390 -5.32 -0.73 -39.33
N GLU B 391 -5.91 -1.28 -38.26
CA GLU B 391 -6.21 -2.70 -38.19
C GLU B 391 -7.54 -3.01 -38.85
N ALA B 392 -8.33 -1.99 -39.19
CA ALA B 392 -9.61 -2.19 -39.83
C ALA B 392 -9.41 -2.50 -41.31
N ASN B 393 -10.36 -3.23 -41.90
CA ASN B 393 -10.32 -3.52 -43.33
C ASN B 393 -10.80 -2.31 -44.11
N VAL B 394 -11.82 -1.65 -43.57
CA VAL B 394 -12.34 -0.40 -44.09
C VAL B 394 -12.44 0.56 -42.92
N LEU B 395 -12.05 1.82 -43.12
CA LEU B 395 -12.03 2.81 -42.05
C LEU B 395 -12.72 4.10 -42.50
N LEU B 396 -13.77 4.48 -41.77
CA LEU B 396 -14.38 5.80 -41.91
C LEU B 396 -14.00 6.62 -40.69
N LEU B 397 -13.14 7.63 -40.89
CA LEU B 397 -12.68 8.50 -39.81
C LEU B 397 -13.51 9.77 -39.78
N MET B 398 -14.27 9.94 -38.69
CA MET B 398 -15.10 11.11 -38.47
C MET B 398 -14.25 12.23 -37.83
N GLU B 399 -14.54 13.47 -38.23
CA GLU B 399 -13.98 14.68 -37.65
C GLU B 399 -13.99 14.62 -36.13
N VAL B 400 -12.92 15.14 -35.52
CA VAL B 400 -12.72 15.04 -34.08
C VAL B 400 -13.92 15.61 -33.33
N TYR B 401 -14.30 14.95 -32.22
CA TYR B 401 -15.20 15.55 -31.25
C TYR B 401 -14.36 16.42 -30.31
N PRO B 402 -14.50 17.77 -30.34
CA PRO B 402 -13.59 18.65 -29.60
C PRO B 402 -13.77 18.61 -28.08
N ALA B 403 -15.01 18.41 -27.60
CA ALA B 403 -15.33 18.50 -26.19
C ALA B 403 -14.85 19.84 -25.63
N GLY B 404 -15.08 20.91 -26.39
CA GLY B 404 -14.75 22.26 -25.96
C GLY B 404 -13.33 22.68 -26.30
N GLU B 405 -12.52 21.81 -26.92
CA GLU B 405 -11.11 22.09 -27.15
C GLU B 405 -10.91 22.82 -28.48
N GLU B 406 -9.88 23.67 -28.55
CA GLU B 406 -9.44 24.28 -29.79
C GLU B 406 -8.68 23.26 -30.63
N PRO B 407 -8.83 23.27 -31.97
CA PRO B 407 -8.02 22.46 -32.87
C PRO B 407 -6.52 22.52 -32.62
N ILE B 408 -5.86 21.37 -32.84
CA ILE B 408 -4.40 21.30 -32.79
C ILE B 408 -3.92 20.88 -34.18
N PRO B 409 -3.12 21.70 -34.89
CA PRO B 409 -2.60 21.30 -36.20
C PRO B 409 -1.80 20.01 -36.13
N GLY B 410 -2.04 19.12 -37.10
CA GLY B 410 -1.30 17.88 -37.21
C GLY B 410 -1.82 16.80 -36.26
N ALA B 411 -2.95 17.05 -35.59
CA ALA B 411 -3.50 16.13 -34.61
C ALA B 411 -5.02 16.08 -34.72
N ASP B 412 -5.51 15.71 -35.91
CA ASP B 412 -6.93 15.68 -36.19
C ASP B 412 -7.21 14.51 -37.14
N SER B 413 -8.48 14.32 -37.54
CA SER B 413 -8.90 13.17 -38.32
C SER B 413 -8.31 13.18 -39.74
N ARG B 414 -8.17 14.37 -40.32
CA ARG B 414 -7.59 14.51 -41.64
C ARG B 414 -6.13 14.06 -41.64
N GLN B 415 -5.40 14.45 -40.60
CA GLN B 415 -4.00 14.05 -40.49
C GLN B 415 -3.92 12.54 -40.30
N LEU B 416 -4.79 11.97 -39.45
CA LEU B 416 -4.80 10.53 -39.24
C LEU B 416 -5.01 9.79 -40.55
N CYS B 417 -5.98 10.25 -41.35
CA CYS B 417 -6.22 9.65 -42.66
C CYS B 417 -4.92 9.59 -43.48
N HIS B 418 -4.19 10.71 -43.50
CA HIS B 418 -2.97 10.81 -44.26
C HIS B 418 -1.91 9.88 -43.67
N SER B 419 -1.77 9.87 -42.33
CA SER B 419 -0.79 9.03 -41.67
C SER B 419 -1.03 7.56 -42.00
N ILE B 420 -2.31 7.15 -42.03
CA ILE B 420 -2.64 5.76 -42.27
C ILE B 420 -2.45 5.46 -43.75
N ARG B 421 -2.95 6.34 -44.62
CA ARG B 421 -2.90 6.15 -46.06
C ARG B 421 -1.46 5.96 -46.52
N GLN B 422 -0.53 6.73 -45.93
CA GLN B 422 0.89 6.71 -46.29
CA GLN B 422 0.86 6.70 -46.38
C GLN B 422 1.50 5.33 -46.10
N ARG B 423 0.90 4.50 -45.24
CA ARG B 423 1.49 3.21 -44.90
C ARG B 423 1.16 2.13 -45.92
N GLY B 424 0.30 2.43 -46.90
CA GLY B 424 0.13 1.56 -48.06
C GLY B 424 -0.88 0.42 -47.87
N GLN B 425 -1.40 0.21 -46.65
CA GLN B 425 -2.27 -0.93 -46.39
C GLN B 425 -3.75 -0.56 -46.55
N LEU B 426 -4.12 0.65 -46.09
CA LEU B 426 -5.52 1.03 -45.96
C LEU B 426 -5.69 2.48 -46.43
N ASP B 427 -6.85 2.78 -47.02
CA ASP B 427 -7.16 4.11 -47.52
C ASP B 427 -8.40 4.63 -46.79
N PRO B 428 -8.25 5.32 -45.64
CA PRO B 428 -9.40 5.79 -44.87
C PRO B 428 -10.27 6.80 -45.61
N ILE B 429 -11.56 6.77 -45.28
CA ILE B 429 -12.55 7.68 -45.80
C ILE B 429 -12.88 8.68 -44.69
N TYR B 430 -12.56 9.95 -44.94
CA TYR B 430 -12.85 11.02 -43.99
C TYR B 430 -14.28 11.51 -44.17
N PHE B 431 -14.94 11.85 -43.05
CA PHE B 431 -16.22 12.51 -43.14
C PHE B 431 -16.42 13.43 -41.93
N GLU B 432 -17.35 14.37 -42.08
CA GLU B 432 -17.54 15.46 -41.15
C GLU B 432 -18.66 15.10 -40.18
N ARG B 433 -18.71 15.81 -39.05
CA ARG B 433 -19.63 15.46 -37.97
C ARG B 433 -21.09 15.60 -38.37
N ASP B 434 -21.41 16.44 -39.37
CA ASP B 434 -22.78 16.71 -39.72
C ASP B 434 -23.25 15.85 -40.90
N ALA B 435 -22.37 14.98 -41.42
CA ALA B 435 -22.72 14.15 -42.56
C ALA B 435 -23.65 13.01 -42.12
N ASP B 436 -24.41 12.46 -43.05
CA ASP B 436 -25.33 11.37 -42.79
C ASP B 436 -24.60 10.07 -43.12
N LEU B 437 -24.40 9.24 -42.10
CA LEU B 437 -23.54 8.07 -42.23
C LEU B 437 -24.16 7.02 -43.15
N ALA B 438 -25.46 6.75 -42.99
CA ALA B 438 -26.13 5.64 -43.66
C ALA B 438 -25.88 5.65 -45.17
N PRO B 439 -26.19 6.75 -45.90
CA PRO B 439 -25.92 6.80 -47.34
C PRO B 439 -24.43 6.76 -47.68
N LEU B 440 -23.59 7.25 -46.77
CA LEU B 440 -22.15 7.18 -46.94
C LEU B 440 -21.70 5.71 -46.90
N VAL B 441 -22.21 4.95 -45.93
CA VAL B 441 -21.62 3.66 -45.61
C VAL B 441 -22.25 2.53 -46.43
N LYS B 442 -23.55 2.64 -46.77
CA LYS B 442 -24.27 1.52 -47.37
C LYS B 442 -23.56 1.03 -48.63
N PRO B 443 -23.15 1.90 -49.58
CA PRO B 443 -22.49 1.46 -50.81
C PRO B 443 -21.18 0.70 -50.60
N LEU B 444 -20.57 0.89 -49.43
CA LEU B 444 -19.29 0.27 -49.09
C LEU B 444 -19.53 -1.14 -48.53
N LEU B 445 -20.71 -1.34 -47.93
CA LEU B 445 -20.98 -2.56 -47.17
C LEU B 445 -21.22 -3.72 -48.12
N ARG B 446 -20.75 -4.91 -47.68
CA ARG B 446 -21.03 -6.16 -48.35
C ARG B 446 -21.56 -7.15 -47.32
N ALA B 447 -22.40 -8.09 -47.80
CA ALA B 447 -22.95 -9.14 -46.96
C ALA B 447 -21.81 -9.86 -46.24
N GLY B 448 -21.99 -10.08 -44.93
CA GLY B 448 -20.98 -10.73 -44.12
C GLY B 448 -20.03 -9.75 -43.41
N ASP B 449 -20.16 -8.44 -43.68
CA ASP B 449 -19.33 -7.45 -43.01
C ASP B 449 -19.72 -7.34 -41.54
N ILE B 450 -18.78 -6.87 -40.72
CA ILE B 450 -19.11 -6.30 -39.42
C ILE B 450 -18.90 -4.79 -39.49
N LEU B 451 -19.95 -4.04 -39.14
CA LEU B 451 -19.89 -2.60 -39.00
C LEU B 451 -19.76 -2.24 -37.51
N LEU B 452 -18.61 -1.66 -37.15
CA LEU B 452 -18.34 -1.21 -35.79
C LEU B 452 -18.42 0.32 -35.73
N CYS B 453 -19.30 0.82 -34.86
CA CYS B 453 -19.33 2.22 -34.50
C CYS B 453 -18.53 2.42 -33.21
N GLN B 454 -17.40 3.12 -33.32
CA GLN B 454 -16.42 3.18 -32.24
C GLN B 454 -16.15 4.63 -31.87
N GLY B 455 -16.30 4.93 -30.58
CA GLY B 455 -15.98 6.25 -30.05
C GLY B 455 -17.12 6.81 -29.20
N ALA B 456 -16.88 8.01 -28.66
CA ALA B 456 -17.88 8.75 -27.91
C ALA B 456 -18.34 9.93 -28.78
N GLY B 457 -18.52 11.11 -28.19
CA GLY B 457 -18.95 12.28 -28.95
C GLY B 457 -20.23 11.99 -29.74
N ASP B 458 -20.12 12.09 -31.08
CA ASP B 458 -21.25 11.97 -31.98
C ASP B 458 -21.56 10.50 -32.31
N VAL B 459 -20.71 9.58 -31.83
CA VAL B 459 -20.76 8.20 -32.28
C VAL B 459 -21.96 7.49 -31.66
N GLY B 460 -22.23 7.80 -30.39
CA GLY B 460 -23.33 7.19 -29.65
C GLY B 460 -24.65 7.23 -30.40
N GLY B 461 -24.87 8.30 -31.18
CA GLY B 461 -26.12 8.46 -31.92
C GLY B 461 -26.27 7.49 -33.08
N LEU B 462 -25.16 6.94 -33.57
CA LEU B 462 -25.12 6.39 -34.93
C LEU B 462 -25.86 5.07 -35.02
N ALA B 463 -25.52 4.09 -34.17
CA ALA B 463 -26.03 2.73 -34.31
C ALA B 463 -27.56 2.69 -34.19
N PRO B 464 -28.18 3.44 -33.24
CA PRO B 464 -29.64 3.53 -33.17
C PRO B 464 -30.29 4.03 -34.46
N GLN B 465 -29.64 4.98 -35.14
CA GLN B 465 -30.16 5.54 -36.37
C GLN B 465 -30.03 4.53 -37.50
N LEU B 466 -28.87 3.87 -37.59
CA LEU B 466 -28.61 2.93 -38.67
C LEU B 466 -29.65 1.81 -38.65
N ILE B 467 -30.03 1.36 -37.44
CA ILE B 467 -30.86 0.18 -37.30
C ILE B 467 -32.31 0.51 -37.70
N LYS B 468 -32.69 1.81 -37.69
CA LYS B 468 -34.05 2.22 -38.01
CA LYS B 468 -34.06 2.22 -38.01
C LYS B 468 -34.08 3.01 -39.33
N ASN B 469 -33.01 2.90 -40.12
CA ASN B 469 -32.89 3.66 -41.35
C ASN B 469 -33.52 2.86 -42.50
N PRO B 470 -34.31 3.52 -43.38
CA PRO B 470 -34.87 2.87 -44.57
C PRO B 470 -33.87 2.07 -45.39
N LEU B 471 -32.63 2.59 -45.53
CA LEU B 471 -31.63 1.99 -46.40
C LEU B 471 -31.28 0.56 -45.95
N PHE B 472 -31.57 0.20 -44.70
CA PHE B 472 -31.22 -1.11 -44.17
C PHE B 472 -32.48 -1.85 -43.72
#